data_5GN7
#
_entry.id   5GN7
#
_cell.length_a   151.312
_cell.length_b   222.726
_cell.length_c   63.165
_cell.angle_alpha   90.00
_cell.angle_beta   114.70
_cell.angle_gamma   90.00
#
_symmetry.space_group_name_H-M   'C 1 2 1'
#
loop_
_entity.id
_entity.type
_entity.pdbx_description
1 polymer 'Alternative oxidase, mitochondrial'
2 non-polymer 'FE (III) ION'
3 non-polymer 4-[[4-(4-methoxyphenyl)piperazin-1-yl]methyl]-7,8-bis(oxidanyl)chromen-2-one
4 non-polymer 'HYDROXIDE ION'
#
_entity_poly.entity_id   1
_entity_poly.type   'polypeptide(L)'
_entity_poly.pdbx_seq_one_letter_code
;MFRNHASRITAAAAPWVLRTACRQKSDAKTPVWGHTQLNRLSFLETVPVVPLRVSDESSEDRPTWSLPDIENVAITHKKP
NGLVDTLAYRSVRTCRWLFDTFSLYRFGSITESKVISRCLFLETVAGVPGMVGGMLRHLSSLRYMTRDKGWINTLLVEAE
NERMHLMTFIELRQPGLPLRVSIIITQAIMYLFLLVAYVISPRFVHRFVGYLEEEAVITYTGVMRAIDEGRLRPTKNDVP
EVARVYWNLSKNATFRDLINVIRADEAEHRVVNHTFADMHEKRLQNSVNPFVVLKKNPEEMYSNQPSGKTRTDFGSEGAK
TASNVNKHV
;
_entity_poly.pdbx_strand_id   A,B,C,D
#
# COMPACT_ATOMS: atom_id res chain seq x y z
N VAL A 32 0.18 -3.70 18.29
CA VAL A 32 0.21 -2.60 17.27
C VAL A 32 0.50 -3.18 15.87
N TRP A 33 -0.31 -4.17 15.50
CA TRP A 33 -0.17 -4.92 14.25
C TRP A 33 -1.52 -4.89 13.48
N GLY A 34 -1.75 -3.78 12.77
CA GLY A 34 -2.96 -3.57 11.96
C GLY A 34 -2.68 -3.09 10.54
N HIS A 35 -3.74 -2.99 9.74
CA HIS A 35 -3.62 -2.97 8.28
C HIS A 35 -2.56 -2.06 7.69
N THR A 36 -2.28 -0.93 8.35
CA THR A 36 -1.30 0.04 7.83
C THR A 36 0.12 -0.53 7.85
N GLN A 37 0.36 -1.44 8.79
CA GLN A 37 1.55 -2.32 8.76
C GLN A 37 1.39 -3.41 7.66
N LEU A 38 0.29 -4.19 7.75
CA LEU A 38 -0.04 -5.25 6.80
C LEU A 38 0.00 -4.87 5.33
N ASN A 39 -0.24 -3.58 5.03
CA ASN A 39 -0.13 -3.08 3.65
C ASN A 39 1.20 -2.55 3.23
N ARG A 40 2.19 -2.58 4.13
CA ARG A 40 3.55 -2.22 3.74
C ARG A 40 4.23 -3.43 3.12
N LEU A 41 4.87 -3.22 1.97
CA LEU A 41 5.43 -4.27 1.13
C LEU A 41 6.47 -5.09 1.85
N SER A 42 7.52 -4.39 2.34
CA SER A 42 8.58 -5.00 3.11
C SER A 42 9.00 -4.15 4.26
N PHE A 43 9.48 -4.83 5.31
CA PHE A 43 10.04 -4.21 6.48
C PHE A 43 11.60 -4.33 6.50
N LEU A 44 12.24 -4.45 5.32
CA LEU A 44 13.70 -4.64 5.26
C LEU A 44 14.46 -3.51 5.99
N GLU A 45 13.97 -2.29 5.89
CA GLU A 45 14.60 -1.09 6.54
C GLU A 45 14.59 -1.14 8.08
N THR A 46 13.77 -1.99 8.69
CA THR A 46 13.71 -2.14 10.16
C THR A 46 14.65 -3.19 10.74
N VAL A 47 15.42 -3.90 9.90
CA VAL A 47 16.36 -4.89 10.46
C VAL A 47 17.46 -4.20 11.31
N PRO A 48 17.99 -3.04 10.86
CA PRO A 48 19.04 -2.39 11.64
C PRO A 48 18.63 -2.05 13.07
N VAL A 49 17.42 -1.53 13.22
CA VAL A 49 17.07 -0.84 14.45
C VAL A 49 16.59 -1.78 15.54
N VAL A 50 16.20 -2.99 15.15
CA VAL A 50 15.64 -3.94 16.12
C VAL A 50 16.81 -4.63 16.91
N PRO A 51 16.66 -4.83 18.24
CA PRO A 51 17.77 -5.43 19.02
C PRO A 51 17.83 -6.96 19.00
N LEU A 52 18.94 -7.49 19.54
CA LEU A 52 19.11 -8.93 19.81
C LEU A 52 18.69 -9.16 21.25
N ARG A 53 17.65 -9.95 21.50
CA ARG A 53 17.25 -10.29 22.88
C ARG A 53 17.07 -11.78 23.04
N VAL A 54 18.08 -12.38 23.64
CA VAL A 54 18.04 -13.73 24.18
C VAL A 54 16.64 -14.33 24.32
N SER A 55 15.72 -13.58 24.95
CA SER A 55 14.27 -13.96 25.02
C SER A 55 13.72 -14.55 23.69
N ASP A 56 14.04 -13.95 22.53
CA ASP A 56 13.39 -14.34 21.26
C ASP A 56 14.04 -15.49 20.54
N GLU A 57 15.15 -16.00 21.08
CA GLU A 57 15.77 -17.22 20.52
C GLU A 57 14.78 -18.39 20.46
N SER A 58 14.11 -18.60 21.61
CA SER A 58 12.97 -19.56 21.80
C SER A 58 11.62 -19.03 21.31
N SER A 59 10.73 -19.96 20.95
CA SER A 59 9.28 -19.71 20.97
C SER A 59 8.89 -19.47 22.41
N GLU A 60 7.64 -19.07 22.63
CA GLU A 60 7.14 -18.73 23.97
C GLU A 60 6.87 -19.85 24.97
N ASP A 61 7.06 -21.09 24.55
CA ASP A 61 6.64 -22.27 25.29
C ASP A 61 7.73 -22.75 26.26
N ARG A 62 8.05 -21.93 27.25
CA ARG A 62 9.17 -22.28 28.16
C ARG A 62 8.88 -23.36 29.23
N PRO A 63 9.83 -24.26 29.46
CA PRO A 63 9.68 -25.12 30.62
C PRO A 63 9.73 -24.32 31.93
N THR A 64 8.84 -24.68 32.84
CA THR A 64 8.76 -24.13 34.20
C THR A 64 8.91 -25.30 35.19
N TRP A 65 10.10 -25.40 35.77
CA TRP A 65 10.40 -26.38 36.79
C TRP A 65 10.67 -25.64 38.09
N SER A 66 10.41 -26.27 39.22
CA SER A 66 10.79 -25.73 40.53
C SER A 66 11.76 -26.74 41.03
N LEU A 67 12.92 -26.26 41.49
CA LEU A 67 14.11 -27.11 41.59
C LEU A 67 14.01 -28.23 42.61
N PRO A 68 13.45 -27.99 43.81
CA PRO A 68 13.35 -29.11 44.77
C PRO A 68 12.43 -30.23 44.30
N ASP A 69 11.40 -29.91 43.50
CA ASP A 69 10.53 -30.93 42.96
C ASP A 69 11.29 -31.86 42.03
N ILE A 70 11.81 -31.29 40.94
CA ILE A 70 12.56 -32.05 39.90
C ILE A 70 13.90 -32.56 40.44
N GLU A 71 14.36 -32.00 41.56
CA GLU A 71 15.49 -32.58 42.31
C GLU A 71 15.43 -34.09 42.48
N ASN A 72 14.23 -34.72 42.40
CA ASN A 72 14.03 -36.18 42.54
C ASN A 72 13.60 -36.93 41.28
N VAL A 73 13.73 -36.32 40.09
CA VAL A 73 13.56 -37.08 38.84
C VAL A 73 14.58 -38.19 38.80
N ALA A 74 14.14 -39.39 38.41
CA ALA A 74 14.93 -40.60 38.61
C ALA A 74 14.87 -41.53 37.40
N ILE A 75 15.89 -42.36 37.28
CA ILE A 75 16.14 -43.14 36.07
C ILE A 75 15.14 -44.31 36.00
N THR A 76 14.46 -44.49 34.85
CA THR A 76 13.46 -45.55 34.66
C THR A 76 13.81 -46.39 33.41
N HIS A 77 13.28 -47.61 33.32
CA HIS A 77 13.52 -48.47 32.14
C HIS A 77 12.27 -49.25 31.67
N LYS A 78 11.63 -48.76 30.59
CA LYS A 78 10.36 -49.29 30.10
C LYS A 78 10.55 -50.58 29.29
N LYS A 79 9.79 -51.62 29.67
CA LYS A 79 9.94 -52.92 29.03
C LYS A 79 9.68 -52.80 27.52
N PRO A 80 10.55 -53.39 26.68
CA PRO A 80 10.21 -53.53 25.25
C PRO A 80 9.09 -54.53 25.11
N ASN A 81 8.28 -54.46 24.06
CA ASN A 81 7.28 -55.51 23.82
C ASN A 81 7.48 -56.37 22.60
N GLY A 82 7.37 -55.79 21.41
CA GLY A 82 7.50 -56.60 20.18
C GLY A 82 8.93 -56.99 19.78
N LEU A 83 9.11 -57.15 18.47
CA LEU A 83 10.44 -57.09 17.92
C LEU A 83 10.84 -55.64 18.06
N VAL A 84 10.08 -54.79 17.37
CA VAL A 84 10.39 -53.38 17.16
C VAL A 84 11.03 -52.69 18.37
N ASP A 85 10.43 -52.81 19.56
CA ASP A 85 10.99 -52.17 20.76
C ASP A 85 12.37 -52.77 21.00
N THR A 86 12.41 -54.08 21.13
CA THR A 86 13.67 -54.81 21.23
C THR A 86 14.69 -54.31 20.14
N LEU A 87 14.23 -54.12 18.90
CA LEU A 87 15.10 -53.62 17.83
C LEU A 87 15.59 -52.21 18.12
N ALA A 88 14.64 -51.32 18.40
CA ALA A 88 14.96 -49.94 18.80
C ALA A 88 15.96 -49.97 19.97
N TYR A 89 15.71 -50.89 20.89
CA TYR A 89 16.46 -50.89 22.12
C TYR A 89 17.92 -51.32 21.94
N ARG A 90 18.15 -52.38 21.15
CA ARG A 90 19.49 -52.70 20.69
C ARG A 90 20.17 -51.48 20.01
N SER A 91 19.42 -50.78 19.13
CA SER A 91 19.96 -49.62 18.41
C SER A 91 20.54 -48.57 19.34
N VAL A 92 19.83 -48.23 20.40
CA VAL A 92 20.34 -47.24 21.35
C VAL A 92 21.56 -47.79 22.08
N ARG A 93 21.54 -49.06 22.46
CA ARG A 93 22.65 -49.63 23.23
C ARG A 93 23.88 -49.91 22.36
N THR A 94 23.66 -50.34 21.10
CA THR A 94 24.77 -50.46 20.16
C THR A 94 25.41 -49.08 19.92
N CYS A 95 24.57 -48.04 19.78
CA CYS A 95 25.04 -46.66 19.71
C CYS A 95 25.71 -46.10 20.95
N ARG A 96 25.27 -46.48 22.15
CA ARG A 96 25.90 -45.93 23.36
C ARG A 96 27.32 -46.47 23.44
N TRP A 97 27.44 -47.76 23.13
CA TRP A 97 28.71 -48.42 23.29
C TRP A 97 29.73 -47.95 22.24
N LEU A 98 29.29 -47.69 21.02
CA LEU A 98 30.14 -46.94 20.06
C LEU A 98 30.53 -45.63 20.70
N PHE A 99 29.56 -44.74 20.87
CA PHE A 99 29.83 -43.37 21.24
C PHE A 99 30.67 -43.19 22.54
N ASP A 100 30.54 -44.09 23.51
CA ASP A 100 31.31 -43.98 24.77
C ASP A 100 32.79 -44.36 24.67
N THR A 101 33.12 -45.17 23.68
CA THR A 101 34.50 -45.53 23.41
C THR A 101 35.16 -44.48 22.51
N PHE A 102 34.60 -44.26 21.32
CA PHE A 102 35.13 -43.26 20.38
C PHE A 102 35.30 -41.86 20.98
N SER A 103 34.33 -41.42 21.79
CA SER A 103 34.47 -40.14 22.52
C SER A 103 35.31 -40.27 23.79
N LEU A 104 36.21 -41.27 23.84
CA LEU A 104 37.19 -41.43 24.92
C LEU A 104 36.59 -41.46 26.34
N TYR A 105 35.26 -41.34 26.42
CA TYR A 105 34.58 -40.80 27.60
C TYR A 105 35.07 -41.49 28.86
N ARG A 106 35.12 -42.83 28.80
CA ARG A 106 35.57 -43.64 29.94
C ARG A 106 37.04 -43.43 30.36
N PHE A 107 38.00 -43.46 29.42
CA PHE A 107 39.43 -43.54 29.83
C PHE A 107 39.96 -42.16 30.20
N GLY A 108 39.62 -41.79 31.45
CA GLY A 108 39.95 -40.51 32.06
C GLY A 108 39.06 -40.29 33.27
N SER A 109 39.59 -39.61 34.29
CA SER A 109 38.76 -39.11 35.39
C SER A 109 37.89 -37.99 34.80
N ILE A 110 36.58 -38.05 35.09
CA ILE A 110 35.59 -37.09 34.59
C ILE A 110 36.03 -35.62 34.78
N THR A 111 35.72 -34.80 33.79
CA THR A 111 36.00 -33.35 33.82
C THR A 111 34.76 -32.56 33.41
N GLU A 112 34.80 -31.25 33.64
CA GLU A 112 33.84 -30.32 33.01
C GLU A 112 33.92 -30.43 31.46
N SER A 113 35.14 -30.30 30.92
CA SER A 113 35.37 -30.31 29.47
C SER A 113 34.70 -31.45 28.73
N LYS A 114 35.08 -32.67 29.08
CA LYS A 114 34.69 -33.85 28.29
C LYS A 114 33.19 -34.10 28.36
N VAL A 115 32.56 -33.65 29.44
CA VAL A 115 31.10 -33.63 29.53
C VAL A 115 30.50 -32.65 28.52
N ILE A 116 30.90 -31.38 28.54
CA ILE A 116 30.17 -30.45 27.68
C ILE A 116 30.29 -30.94 26.25
N SER A 117 31.49 -31.31 25.82
CA SER A 117 31.64 -31.89 24.46
C SER A 117 30.67 -33.06 24.20
N ARG A 118 30.48 -33.94 25.19
CA ARG A 118 29.56 -35.06 25.00
C ARG A 118 28.18 -34.56 24.61
N CYS A 119 27.67 -33.62 25.42
CA CYS A 119 26.29 -33.13 25.32
C CYS A 119 26.01 -32.19 24.09
N LEU A 120 26.77 -31.12 24.00
CA LEU A 120 26.98 -30.38 22.75
C LEU A 120 26.81 -31.26 21.50
N PHE A 121 27.56 -32.37 21.46
CA PHE A 121 27.41 -33.31 20.35
C PHE A 121 26.09 -34.04 20.44
N LEU A 122 25.77 -34.60 21.60
CA LEU A 122 24.52 -35.32 21.72
C LEU A 122 23.27 -34.48 21.34
N GLU A 123 23.21 -33.18 21.68
CA GLU A 123 21.99 -32.42 21.36
C GLU A 123 21.73 -32.09 19.87
N THR A 124 22.71 -32.26 18.99
CA THR A 124 22.52 -31.99 17.56
C THR A 124 21.71 -33.07 16.85
N VAL A 125 21.60 -34.24 17.47
CA VAL A 125 20.71 -35.27 16.95
C VAL A 125 19.42 -35.12 17.73
N ALA A 126 19.53 -34.91 19.04
CA ALA A 126 18.38 -34.42 19.83
C ALA A 126 17.43 -33.34 19.20
N GLY A 127 17.94 -32.54 18.28
CA GLY A 127 17.05 -31.69 17.50
C GLY A 127 16.17 -32.51 16.58
N VAL A 128 16.81 -33.36 15.77
CA VAL A 128 16.26 -33.82 14.50
C VAL A 128 14.93 -34.56 14.64
N PRO A 129 14.89 -35.69 15.35
CA PRO A 129 13.56 -36.37 15.41
C PRO A 129 12.41 -35.52 15.94
N GLY A 130 12.70 -34.55 16.83
CA GLY A 130 11.70 -33.63 17.32
C GLY A 130 11.00 -32.95 16.17
N MET A 131 11.81 -32.48 15.21
CA MET A 131 11.33 -31.85 13.95
C MET A 131 10.65 -32.78 12.90
N VAL A 132 11.38 -33.80 12.43
CA VAL A 132 10.89 -34.68 11.35
C VAL A 132 9.56 -35.17 11.87
N GLY A 133 9.53 -35.44 13.19
CA GLY A 133 8.29 -35.71 13.93
C GLY A 133 7.06 -34.94 13.43
N GLY A 134 6.99 -33.66 13.82
CA GLY A 134 5.87 -32.78 13.42
C GLY A 134 5.76 -32.56 11.91
N MET A 135 6.88 -32.21 11.29
CA MET A 135 6.94 -32.00 9.83
C MET A 135 6.29 -33.12 9.00
N LEU A 136 6.31 -34.37 9.51
CA LEU A 136 5.65 -35.50 8.83
C LEU A 136 4.22 -35.75 9.24
N ARG A 137 3.94 -35.58 10.53
CA ARG A 137 2.58 -35.46 10.99
C ARG A 137 1.86 -34.28 10.35
N HIS A 138 2.59 -33.17 10.14
CA HIS A 138 2.02 -31.94 9.57
C HIS A 138 1.58 -32.15 8.13
N LEU A 139 2.42 -32.84 7.34
CA LEU A 139 2.09 -33.07 5.93
C LEU A 139 0.98 -34.10 5.79
N SER A 140 0.87 -35.06 6.73
CA SER A 140 -0.29 -35.97 6.73
C SER A 140 -1.58 -35.17 6.84
N SER A 141 -1.75 -34.41 7.94
CA SER A 141 -2.87 -33.47 8.16
C SER A 141 -3.27 -32.59 6.95
N LEU A 142 -2.27 -31.96 6.34
CA LEU A 142 -2.57 -31.12 5.19
C LEU A 142 -3.13 -31.90 4.00
N ARG A 143 -2.69 -33.17 3.83
CA ARG A 143 -2.98 -33.97 2.63
C ARG A 143 -4.24 -34.88 2.73
N TYR A 144 -4.43 -35.45 3.92
CA TYR A 144 -5.66 -36.17 4.23
C TYR A 144 -6.84 -35.26 4.54
N MET A 145 -6.63 -33.99 4.89
CA MET A 145 -7.74 -33.08 5.31
C MET A 145 -8.39 -33.61 6.56
N THR A 146 -7.58 -33.68 7.61
CA THR A 146 -7.95 -34.27 8.89
C THR A 146 -7.30 -33.53 10.06
N ARG A 147 -7.86 -33.81 11.24
CA ARG A 147 -7.40 -33.21 12.47
C ARG A 147 -6.11 -33.87 12.86
N ASP A 148 -5.39 -33.21 13.75
CA ASP A 148 -4.15 -33.76 14.31
C ASP A 148 -4.36 -34.16 15.74
N LYS A 149 -5.09 -33.27 16.44
CA LYS A 149 -5.37 -33.35 17.89
C LYS A 149 -4.15 -33.12 18.71
N GLY A 150 -3.36 -32.11 18.34
CA GLY A 150 -2.27 -31.64 19.19
C GLY A 150 -1.09 -32.57 19.41
N TRP A 151 -0.67 -33.31 18.40
CA TRP A 151 0.66 -33.91 18.45
C TRP A 151 1.70 -32.92 17.91
N ILE A 152 1.39 -32.31 16.77
CA ILE A 152 2.38 -31.61 15.95
C ILE A 152 3.15 -30.55 16.73
N ASN A 153 2.44 -29.77 17.56
CA ASN A 153 3.15 -28.80 18.35
C ASN A 153 3.88 -29.36 19.54
N THR A 154 3.48 -30.51 20.04
CA THR A 154 4.24 -31.13 21.15
C THR A 154 5.66 -31.51 20.74
N LEU A 155 5.78 -32.04 19.51
CA LEU A 155 7.05 -32.58 18.98
C LEU A 155 8.00 -31.41 18.64
N LEU A 156 7.54 -30.55 17.70
CA LEU A 156 8.16 -29.25 17.37
C LEU A 156 8.74 -28.40 18.54
N VAL A 157 8.22 -28.60 19.77
CA VAL A 157 8.85 -28.03 20.97
C VAL A 157 9.87 -28.97 21.62
N GLU A 158 9.66 -30.28 21.63
CA GLU A 158 10.72 -31.26 21.86
C GLU A 158 11.95 -30.98 20.95
N ALA A 159 11.69 -30.52 19.72
CA ALA A 159 12.77 -30.13 18.80
C ALA A 159 13.43 -28.84 19.24
N GLU A 160 12.62 -27.95 19.76
CA GLU A 160 13.07 -26.65 20.20
C GLU A 160 13.86 -26.70 21.51
N ASN A 161 13.32 -27.42 22.47
CA ASN A 161 13.95 -27.60 23.76
C ASN A 161 15.32 -28.26 23.60
N GLU A 162 15.39 -29.27 22.74
CA GLU A 162 16.68 -29.90 22.46
C GLU A 162 17.63 -29.00 21.70
N ARG A 163 17.11 -28.08 20.89
CA ARG A 163 17.94 -27.03 20.31
C ARG A 163 18.36 -25.97 21.34
N MET A 164 17.56 -25.69 22.36
CA MET A 164 17.97 -24.70 23.35
C MET A 164 19.04 -25.29 24.25
N HIS A 165 19.02 -26.61 24.40
CA HIS A 165 20.08 -27.27 25.17
C HIS A 165 21.41 -26.93 24.51
N LEU A 166 21.42 -27.13 23.19
CA LEU A 166 22.58 -26.93 22.34
C LEU A 166 23.00 -25.45 22.38
N MET A 167 22.06 -24.52 22.19
CA MET A 167 22.39 -23.07 22.31
C MET A 167 22.93 -22.69 23.68
N THR A 168 22.70 -23.51 24.70
CA THR A 168 23.26 -23.25 26.02
C THR A 168 24.67 -23.85 26.16
N PHE A 169 24.84 -25.07 25.62
CA PHE A 169 26.11 -25.80 25.70
C PHE A 169 27.18 -25.17 24.83
N ILE A 170 26.82 -24.76 23.61
CA ILE A 170 27.71 -23.92 22.77
C ILE A 170 28.35 -22.76 23.55
N GLU A 171 27.60 -22.12 24.47
CA GLU A 171 28.12 -20.98 25.27
C GLU A 171 29.25 -21.39 26.25
N LEU A 172 29.21 -22.62 26.72
CA LEU A 172 30.20 -23.13 27.66
C LEU A 172 31.50 -23.52 26.93
N ARG A 173 31.37 -24.00 25.69
CA ARG A 173 32.52 -24.45 24.94
C ARG A 173 32.22 -24.40 23.45
N GLN A 174 32.99 -23.63 22.67
CA GLN A 174 32.91 -23.74 21.20
C GLN A 174 33.72 -25.00 20.88
N PRO A 175 33.15 -25.91 20.10
CA PRO A 175 33.95 -27.07 19.76
C PRO A 175 35.01 -26.71 18.72
N GLY A 176 36.01 -27.58 18.58
CA GLY A 176 37.10 -27.41 17.63
C GLY A 176 36.76 -28.12 16.34
N LEU A 177 37.30 -27.59 15.24
CA LEU A 177 37.14 -28.15 13.87
C LEU A 177 36.86 -29.66 13.75
N PRO A 178 37.61 -30.48 14.50
CA PRO A 178 37.19 -31.87 14.60
C PRO A 178 35.69 -32.01 14.78
N LEU A 179 35.14 -31.56 15.91
CA LEU A 179 33.73 -31.87 16.24
C LEU A 179 32.80 -31.20 15.28
N ARG A 180 33.06 -29.90 15.05
CA ARG A 180 32.34 -29.07 14.06
C ARG A 180 32.07 -29.86 12.79
N VAL A 181 33.09 -30.53 12.26
CA VAL A 181 32.90 -31.41 11.09
C VAL A 181 32.03 -32.63 11.43
N SER A 182 32.45 -33.49 12.38
CA SER A 182 31.68 -34.74 12.63
C SER A 182 30.20 -34.53 12.89
N ILE A 183 29.83 -33.38 13.46
CA ILE A 183 28.42 -33.01 13.53
C ILE A 183 27.75 -33.01 12.15
N ILE A 184 28.39 -32.32 11.18
CA ILE A 184 27.82 -32.15 9.83
C ILE A 184 27.54 -33.48 9.16
N ILE A 185 28.51 -34.40 9.17
CA ILE A 185 28.25 -35.76 8.63
C ILE A 185 27.11 -36.41 9.42
N THR A 186 27.19 -36.38 10.78
CA THR A 186 26.27 -37.12 11.68
C THR A 186 24.87 -36.71 11.33
N GLN A 187 24.63 -35.41 11.40
CA GLN A 187 23.34 -34.84 11.07
C GLN A 187 22.78 -35.38 9.74
N ALA A 188 23.61 -35.35 8.69
CA ALA A 188 23.20 -35.89 7.38
C ALA A 188 22.73 -37.30 7.55
N ILE A 189 23.56 -38.12 8.18
CA ILE A 189 23.25 -39.53 8.39
C ILE A 189 21.96 -39.66 9.22
N MET A 190 21.90 -38.95 10.35
CA MET A 190 20.75 -39.06 11.24
C MET A 190 19.46 -38.55 10.60
N TYR A 191 19.46 -37.31 10.13
CA TYR A 191 18.30 -36.82 9.41
C TYR A 191 17.74 -37.94 8.55
N LEU A 192 18.59 -38.41 7.65
CA LEU A 192 18.18 -39.35 6.61
C LEU A 192 17.74 -40.74 7.07
N PHE A 193 18.20 -41.17 8.26
CA PHE A 193 17.64 -42.35 8.90
C PHE A 193 16.22 -42.01 9.36
N LEU A 194 16.15 -40.95 10.16
CA LEU A 194 14.96 -40.59 10.91
C LEU A 194 13.72 -40.29 10.08
N LEU A 195 13.91 -39.79 8.87
CA LEU A 195 12.78 -39.43 7.98
C LEU A 195 12.16 -40.67 7.36
N VAL A 196 12.98 -41.67 7.06
CA VAL A 196 12.43 -42.86 6.44
C VAL A 196 12.03 -43.80 7.57
N ALA A 197 12.83 -43.91 8.63
CA ALA A 197 12.36 -44.64 9.83
C ALA A 197 11.00 -44.12 10.31
N TYR A 198 10.69 -42.82 10.17
CA TYR A 198 9.33 -42.31 10.52
C TYR A 198 8.26 -42.76 9.50
N VAL A 199 8.50 -42.46 8.24
CA VAL A 199 7.63 -42.94 7.17
C VAL A 199 7.36 -44.45 7.29
N ILE A 200 8.39 -45.24 7.59
CA ILE A 200 8.25 -46.69 7.68
C ILE A 200 7.52 -47.02 9.02
N SER A 201 8.01 -46.50 10.15
CA SER A 201 7.52 -46.90 11.49
C SER A 201 7.63 -45.76 12.50
N PRO A 202 6.55 -45.00 12.69
CA PRO A 202 6.62 -44.07 13.81
C PRO A 202 6.84 -44.79 15.16
N ARG A 203 6.27 -45.97 15.31
CA ARG A 203 6.35 -46.60 16.61
C ARG A 203 7.79 -46.85 17.02
N PHE A 204 8.63 -47.17 16.03
CA PHE A 204 10.06 -47.46 16.24
C PHE A 204 10.83 -46.19 16.72
N VAL A 205 10.50 -45.05 16.14
CA VAL A 205 11.20 -43.81 16.36
C VAL A 205 10.84 -43.27 17.75
N HIS A 206 9.58 -43.00 18.00
CA HIS A 206 9.18 -42.64 19.37
C HIS A 206 9.80 -43.59 20.45
N ARG A 207 9.84 -44.88 20.10
CA ARG A 207 10.39 -45.90 20.98
C ARG A 207 11.86 -45.76 21.10
N PHE A 208 12.50 -45.54 19.96
CA PHE A 208 13.96 -45.29 19.88
C PHE A 208 14.32 -44.05 20.73
N VAL A 209 13.51 -43.01 20.63
CA VAL A 209 13.80 -41.78 21.32
C VAL A 209 13.62 -41.99 22.79
N GLY A 210 12.50 -42.62 23.15
CA GLY A 210 12.20 -42.89 24.57
C GLY A 210 13.39 -43.53 25.28
N TYR A 211 13.94 -44.55 24.62
CA TYR A 211 15.13 -45.21 25.09
C TYR A 211 16.36 -44.30 25.14
N LEU A 212 16.54 -43.44 24.12
CA LEU A 212 17.62 -42.43 24.15
C LEU A 212 17.55 -41.53 25.39
N GLU A 213 16.35 -41.15 25.79
CA GLU A 213 16.24 -40.23 26.91
C GLU A 213 16.49 -40.93 28.26
N GLU A 214 16.27 -42.25 28.35
CA GLU A 214 16.55 -42.93 29.62
C GLU A 214 18.04 -42.77 29.89
N GLU A 215 18.81 -42.66 28.78
CA GLU A 215 20.26 -42.45 28.81
C GLU A 215 20.64 -40.95 29.10
N ALA A 216 19.92 -40.01 28.49
CA ALA A 216 20.03 -38.62 28.93
C ALA A 216 19.83 -38.45 30.44
N VAL A 217 18.83 -39.14 31.01
CA VAL A 217 18.54 -39.05 32.44
C VAL A 217 19.67 -39.67 33.26
N ILE A 218 20.06 -40.90 32.89
CA ILE A 218 21.22 -41.58 33.52
C ILE A 218 22.41 -40.66 33.61
N THR A 219 22.84 -40.14 32.46
CA THR A 219 24.03 -39.32 32.41
C THR A 219 23.87 -38.04 33.16
N TYR A 220 22.84 -37.26 32.86
CA TYR A 220 22.65 -36.02 33.61
C TYR A 220 22.55 -36.30 35.15
N THR A 221 22.16 -37.49 35.62
CA THR A 221 22.26 -37.75 37.10
C THR A 221 23.70 -38.10 37.49
N GLY A 222 24.46 -38.80 36.63
CA GLY A 222 25.89 -39.04 36.88
C GLY A 222 26.65 -37.72 37.13
N VAL A 223 26.75 -36.92 36.08
CA VAL A 223 27.11 -35.52 36.16
C VAL A 223 26.77 -34.88 37.51
N MET A 224 25.56 -35.16 38.04
CA MET A 224 25.12 -34.51 39.27
C MET A 224 25.71 -35.16 40.48
N ARG A 225 25.52 -36.48 40.59
CA ARG A 225 26.15 -37.27 41.65
C ARG A 225 27.59 -36.73 41.78
N ALA A 226 28.29 -36.70 40.63
CA ALA A 226 29.65 -36.17 40.48
C ALA A 226 29.83 -34.77 41.08
N ILE A 227 29.11 -33.77 40.60
CA ILE A 227 29.19 -32.41 41.21
C ILE A 227 29.12 -32.52 42.73
N ASP A 228 28.08 -33.22 43.22
CA ASP A 228 27.69 -33.23 44.63
C ASP A 228 28.70 -33.88 45.55
N GLU A 229 29.19 -35.04 45.15
CA GLU A 229 30.30 -35.66 45.84
C GLU A 229 31.54 -34.77 45.73
N GLY A 230 31.81 -34.27 44.54
CA GLY A 230 32.91 -33.32 44.32
C GLY A 230 33.85 -33.69 43.19
N ARG A 231 33.85 -34.99 42.83
CA ARG A 231 34.55 -35.56 41.66
C ARG A 231 34.51 -34.70 40.41
N LEU A 232 33.48 -33.89 40.27
CA LEU A 232 33.42 -32.81 39.29
C LEU A 232 33.37 -31.46 40.03
N ARG A 233 34.29 -30.55 39.67
CA ARG A 233 34.33 -29.17 40.21
C ARG A 233 34.14 -28.19 39.03
N PRO A 234 32.99 -27.50 38.97
CA PRO A 234 32.66 -26.68 37.81
C PRO A 234 33.21 -25.26 37.85
N THR A 235 33.60 -24.71 36.69
CA THR A 235 34.06 -23.32 36.58
C THR A 235 33.07 -22.36 35.90
N LYS A 236 32.07 -22.90 35.18
CA LYS A 236 30.97 -22.09 34.64
C LYS A 236 29.83 -21.98 35.64
N ASN A 237 30.05 -21.25 36.75
CA ASN A 237 28.97 -21.02 37.72
C ASN A 237 28.04 -19.89 37.28
N ASP A 238 28.55 -19.03 36.39
CA ASP A 238 27.69 -18.23 35.53
C ASP A 238 26.86 -19.21 34.69
N VAL A 239 25.58 -18.89 34.53
CA VAL A 239 24.70 -19.59 33.60
C VAL A 239 24.37 -18.59 32.47
N PRO A 240 24.71 -18.94 31.22
CA PRO A 240 24.42 -18.07 30.08
C PRO A 240 23.07 -17.38 30.09
N GLU A 241 23.08 -16.07 29.90
CA GLU A 241 21.89 -15.36 29.47
C GLU A 241 20.82 -16.30 28.82
N VAL A 242 21.03 -16.91 27.64
CA VAL A 242 19.89 -17.64 27.05
C VAL A 242 19.30 -18.64 28.04
N ALA A 243 20.18 -19.33 28.77
CA ALA A 243 19.79 -20.41 29.65
C ALA A 243 18.91 -19.93 30.82
N ARG A 244 19.31 -18.84 31.48
CA ARG A 244 18.45 -18.26 32.52
C ARG A 244 17.07 -17.91 31.94
N VAL A 245 16.97 -17.04 30.93
CA VAL A 245 15.61 -16.64 30.45
C VAL A 245 14.78 -17.86 29.98
N TYR A 246 15.35 -18.75 29.17
CA TYR A 246 14.61 -19.91 28.64
C TYR A 246 13.97 -20.67 29.79
N TRP A 247 14.79 -21.10 30.73
CA TRP A 247 14.32 -21.83 31.92
C TRP A 247 13.82 -20.97 33.09
N ASN A 248 13.86 -19.65 32.97
CA ASN A 248 13.66 -18.73 34.10
C ASN A 248 14.36 -19.14 35.41
N LEU A 249 15.68 -18.92 35.48
CA LEU A 249 16.46 -19.27 36.68
C LEU A 249 16.90 -18.01 37.44
N SER A 250 17.27 -18.22 38.71
CA SER A 250 17.79 -17.14 39.55
C SER A 250 19.07 -16.59 38.94
N LYS A 251 19.46 -15.41 39.41
CA LYS A 251 20.61 -14.70 38.87
C LYS A 251 21.88 -15.46 39.35
N ASN A 252 21.73 -16.14 40.49
CA ASN A 252 22.75 -16.94 41.15
C ASN A 252 22.53 -18.46 40.97
N ALA A 253 22.06 -18.89 39.80
CA ALA A 253 21.89 -20.34 39.52
C ALA A 253 23.21 -21.05 39.11
N THR A 254 23.53 -22.16 39.75
CA THR A 254 24.81 -22.89 39.55
C THR A 254 24.86 -23.83 38.32
N PHE A 255 26.05 -24.42 38.10
CA PHE A 255 26.25 -25.40 37.02
C PHE A 255 25.33 -26.59 37.28
N ARG A 256 25.36 -27.09 38.52
CA ARG A 256 24.36 -28.07 38.99
C ARG A 256 22.90 -27.67 38.60
N ASP A 257 22.46 -26.48 39.03
CA ASP A 257 21.11 -25.99 38.73
C ASP A 257 20.73 -26.27 37.30
N LEU A 258 21.62 -25.88 36.38
CA LEU A 258 21.35 -25.98 34.95
C LEU A 258 21.26 -27.43 34.43
N ILE A 259 22.10 -28.32 34.95
CA ILE A 259 22.00 -29.73 34.62
C ILE A 259 20.64 -30.27 35.08
N ASN A 260 20.31 -30.01 36.34
CA ASN A 260 19.02 -30.40 36.95
C ASN A 260 17.76 -30.16 36.06
N VAL A 261 17.57 -28.92 35.58
CA VAL A 261 16.46 -28.60 34.67
C VAL A 261 16.63 -29.31 33.32
N ILE A 262 17.84 -29.30 32.76
CA ILE A 262 18.08 -30.07 31.51
C ILE A 262 17.71 -31.54 31.76
N ARG A 263 18.09 -32.05 32.95
CA ARG A 263 17.78 -33.42 33.36
C ARG A 263 16.28 -33.67 33.48
N ALA A 264 15.56 -32.67 34.04
CA ALA A 264 14.09 -32.63 34.01
C ALA A 264 13.57 -32.68 32.58
N ASP A 265 13.90 -31.67 31.79
CA ASP A 265 13.55 -31.63 30.36
C ASP A 265 13.76 -32.95 29.62
N GLU A 266 14.75 -33.74 30.04
CA GLU A 266 15.02 -34.97 29.36
C GLU A 266 14.10 -36.10 29.79
N ALA A 267 13.72 -36.06 31.06
CA ALA A 267 12.67 -36.95 31.57
C ALA A 267 11.32 -36.71 30.90
N GLU A 268 10.93 -35.45 30.70
CA GLU A 268 9.64 -35.16 30.06
C GLU A 268 9.53 -35.90 28.73
N HIS A 269 10.59 -35.81 27.93
CA HIS A 269 10.57 -36.31 26.56
C HIS A 269 10.53 -37.85 26.61
N ARG A 270 11.23 -38.40 27.60
CA ARG A 270 11.29 -39.87 27.82
C ARG A 270 9.89 -40.43 27.87
N VAL A 271 9.04 -39.87 28.75
CA VAL A 271 7.62 -40.28 28.84
C VAL A 271 6.93 -40.10 27.50
N VAL A 272 6.90 -38.85 27.04
CA VAL A 272 5.98 -38.42 26.01
C VAL A 272 6.16 -39.26 24.76
N ASN A 273 7.39 -39.70 24.49
CA ASN A 273 7.61 -40.58 23.31
C ASN A 273 7.16 -42.03 23.58
N HIS A 274 7.62 -42.60 24.70
CA HIS A 274 7.23 -43.97 25.09
C HIS A 274 5.69 -44.05 25.14
N THR A 275 5.09 -42.95 25.59
CA THR A 275 3.64 -42.72 25.47
C THR A 275 3.17 -42.89 24.01
N PHE A 276 3.68 -42.03 23.13
CA PHE A 276 3.31 -42.04 21.70
C PHE A 276 3.57 -43.43 21.05
N ALA A 277 4.62 -44.10 21.48
CA ALA A 277 4.94 -45.41 20.97
C ALA A 277 3.92 -46.47 21.39
N ASP A 278 3.55 -46.47 22.69
CA ASP A 278 2.38 -47.25 23.21
C ASP A 278 1.11 -46.88 22.42
N MET A 279 0.79 -45.59 22.42
CA MET A 279 -0.37 -45.09 21.67
C MET A 279 -0.43 -45.65 20.26
N HIS A 280 0.70 -45.54 19.57
CA HIS A 280 0.82 -46.12 18.25
C HIS A 280 0.57 -47.60 18.38
N GLU A 281 1.40 -48.27 19.21
CA GLU A 281 1.37 -49.74 19.40
C GLU A 281 -0.03 -50.29 19.36
N LYS A 282 -0.97 -49.57 19.99
CA LYS A 282 -2.40 -49.93 20.09
C LYS A 282 -3.33 -49.20 19.07
N ARG A 283 -2.81 -48.77 17.91
CA ARG A 283 -3.59 -47.95 16.95
C ARG A 283 -4.40 -46.78 17.59
N LEU A 284 -3.77 -46.11 18.54
CA LEU A 284 -4.34 -44.92 19.16
C LEU A 284 -3.48 -43.76 18.76
N GLN A 285 -3.25 -43.66 17.45
CA GLN A 285 -2.27 -42.70 16.91
C GLN A 285 -2.91 -41.68 15.99
N ASN A 286 -4.23 -41.57 16.09
CA ASN A 286 -4.99 -40.36 15.73
C ASN A 286 -5.88 -39.97 16.93
N SER A 287 -5.56 -40.50 18.11
CA SER A 287 -6.31 -40.17 19.31
C SER A 287 -5.87 -38.78 19.67
N VAL A 288 -6.45 -38.19 20.70
CA VAL A 288 -5.92 -36.89 21.12
C VAL A 288 -4.58 -37.15 21.84
N ASN A 289 -3.65 -36.22 21.70
CA ASN A 289 -2.38 -36.26 22.44
C ASN A 289 -2.67 -35.99 23.90
N PRO A 290 -2.46 -36.98 24.76
CA PRO A 290 -2.88 -36.79 26.15
C PRO A 290 -2.27 -35.61 26.92
N PHE A 291 -1.11 -35.11 26.47
CA PHE A 291 -0.37 -34.08 27.26
C PHE A 291 -0.91 -32.64 27.11
N VAL A 292 -1.72 -32.38 26.07
CA VAL A 292 -2.47 -31.11 25.97
C VAL A 292 -3.32 -30.89 27.24
N VAL A 293 -4.07 -31.92 27.62
CA VAL A 293 -4.81 -31.88 28.86
C VAL A 293 -3.74 -31.81 29.92
N LEU A 294 -2.97 -32.88 30.09
CA LEU A 294 -2.02 -33.03 31.22
C LEU A 294 -1.00 -31.81 31.51
N LYS A 295 -1.38 -30.57 31.11
CA LYS A 295 -0.91 -29.34 31.74
C LYS A 295 -1.95 -28.69 32.69
N VAL B 32 0.31 -28.51 36.83
CA VAL B 32 0.86 -29.55 37.74
C VAL B 32 1.62 -30.66 36.95
N TRP B 33 2.80 -30.26 36.48
CA TRP B 33 3.75 -31.14 35.82
C TRP B 33 5.00 -31.22 36.69
N GLY B 34 5.28 -32.39 37.24
CA GLY B 34 6.36 -32.55 38.21
C GLY B 34 6.98 -33.96 38.25
N HIS B 35 7.83 -34.18 39.24
CA HIS B 35 8.71 -35.33 39.23
C HIS B 35 8.02 -36.69 39.34
N THR B 36 6.76 -36.72 39.77
CA THR B 36 6.02 -37.99 39.85
C THR B 36 5.34 -38.36 38.51
N GLN B 37 5.11 -37.36 37.66
CA GLN B 37 4.57 -37.59 36.32
C GLN B 37 5.76 -37.82 35.38
N LEU B 38 6.89 -37.18 35.65
CA LEU B 38 8.11 -37.40 34.88
C LEU B 38 8.65 -38.81 35.10
N ASN B 39 8.52 -39.34 36.32
CA ASN B 39 8.96 -40.73 36.59
C ASN B 39 7.99 -41.88 36.21
N ARG B 40 6.81 -41.59 35.64
CA ARG B 40 5.93 -42.67 35.12
C ARG B 40 6.31 -43.14 33.70
N LEU B 41 6.54 -44.45 33.52
CA LEU B 41 6.84 -45.02 32.19
C LEU B 41 5.93 -44.52 31.05
N SER B 42 4.61 -44.57 31.26
CA SER B 42 3.58 -44.32 30.24
C SER B 42 2.35 -43.51 30.74
N PHE B 43 1.50 -43.20 29.77
CA PHE B 43 0.19 -42.57 29.97
C PHE B 43 -0.86 -43.08 28.91
N LEU B 44 -0.70 -44.31 28.44
CA LEU B 44 -1.52 -44.83 27.34
C LEU B 44 -2.96 -45.00 27.79
N GLU B 45 -3.10 -45.38 29.05
CA GLU B 45 -4.40 -45.57 29.69
C GLU B 45 -5.17 -44.25 30.02
N THR B 46 -4.50 -43.08 30.08
CA THR B 46 -5.25 -41.79 30.18
C THR B 46 -5.92 -41.35 28.87
N VAL B 47 -5.65 -42.01 27.75
CA VAL B 47 -6.16 -41.52 26.46
C VAL B 47 -7.65 -41.82 26.15
N PRO B 48 -8.33 -42.67 26.96
CA PRO B 48 -9.80 -42.72 26.95
C PRO B 48 -10.48 -41.60 27.72
N VAL B 49 -9.91 -41.18 28.86
CA VAL B 49 -10.54 -40.15 29.71
C VAL B 49 -10.33 -38.68 29.26
N VAL B 50 -9.70 -38.43 28.11
CA VAL B 50 -9.06 -37.13 27.87
C VAL B 50 -9.68 -36.36 26.68
N PRO B 51 -10.36 -35.21 26.92
CA PRO B 51 -11.28 -34.58 25.93
C PRO B 51 -10.72 -34.18 24.57
N LEU B 52 -11.60 -34.14 23.57
CA LEU B 52 -11.31 -33.58 22.24
C LEU B 52 -11.86 -32.16 22.22
N ARG B 53 -10.95 -31.21 22.42
CA ARG B 53 -11.24 -29.78 22.50
C ARG B 53 -10.55 -29.06 21.34
N VAL B 54 -11.25 -28.08 20.81
CA VAL B 54 -10.87 -27.41 19.58
C VAL B 54 -9.73 -26.37 19.77
N SER B 55 -9.42 -26.05 21.04
CA SER B 55 -8.34 -25.13 21.43
C SER B 55 -6.97 -25.81 21.65
N ASP B 56 -6.93 -27.14 21.58
CA ASP B 56 -5.67 -27.86 21.60
C ASP B 56 -5.40 -28.46 20.23
N GLU B 57 -6.07 -27.97 19.19
CA GLU B 57 -5.65 -28.28 17.83
C GLU B 57 -4.39 -27.47 17.52
N SER B 58 -4.53 -26.16 17.37
CA SER B 58 -3.38 -25.28 17.18
C SER B 58 -2.58 -25.18 18.48
N SER B 59 -1.48 -24.43 18.42
CA SER B 59 -0.69 -24.01 19.58
C SER B 59 -1.45 -22.88 20.25
N GLU B 60 -0.84 -22.16 21.19
CA GLU B 60 -1.47 -20.97 21.76
C GLU B 60 -0.87 -19.68 21.17
N ASP B 61 -0.66 -19.72 19.85
CA ASP B 61 0.00 -18.65 19.07
C ASP B 61 -0.91 -18.30 17.87
N ARG B 62 -2.02 -17.66 18.23
CA ARG B 62 -3.16 -17.49 17.37
C ARG B 62 -3.25 -16.02 17.08
N PRO B 63 -3.70 -15.64 15.88
CA PRO B 63 -3.81 -14.26 15.57
C PRO B 63 -4.81 -13.62 16.47
N THR B 64 -4.65 -12.31 16.64
CA THR B 64 -5.50 -11.47 17.48
C THR B 64 -5.86 -10.19 16.70
N TRP B 65 -6.60 -10.37 15.60
CA TRP B 65 -7.02 -9.23 14.80
C TRP B 65 -8.23 -8.50 15.46
N SER B 66 -8.55 -7.30 14.98
CA SER B 66 -9.86 -6.65 15.24
C SER B 66 -10.50 -6.14 13.91
N LEU B 67 -11.69 -6.68 13.62
CA LEU B 67 -12.28 -6.72 12.29
C LEU B 67 -12.50 -5.39 11.62
N PRO B 68 -12.92 -4.33 12.35
CA PRO B 68 -13.11 -3.07 11.61
C PRO B 68 -11.82 -2.53 11.00
N ASP B 69 -10.70 -2.85 11.67
CA ASP B 69 -9.32 -2.53 11.21
C ASP B 69 -8.90 -3.39 10.04
N ILE B 70 -8.86 -4.69 10.26
CA ILE B 70 -8.42 -5.62 9.23
C ILE B 70 -9.45 -5.73 8.08
N GLU B 71 -10.61 -5.08 8.23
CA GLU B 71 -11.48 -4.72 7.10
C GLU B 71 -10.67 -3.96 6.05
N ASN B 72 -9.82 -3.03 6.48
CA ASN B 72 -9.09 -2.16 5.54
C ASN B 72 -7.94 -2.73 4.69
N VAL B 73 -7.46 -3.94 4.99
CA VAL B 73 -6.37 -4.58 4.21
C VAL B 73 -6.51 -4.39 2.70
N ALA B 74 -5.38 -4.13 2.04
CA ALA B 74 -5.33 -3.77 0.63
C ALA B 74 -4.66 -4.83 -0.29
N ILE B 75 -4.77 -4.61 -1.60
CA ILE B 75 -4.07 -5.41 -2.64
C ILE B 75 -2.76 -4.69 -3.04
N THR B 76 -1.61 -5.34 -2.88
CA THR B 76 -0.32 -4.71 -3.21
C THR B 76 0.44 -5.46 -4.31
N HIS B 77 1.54 -4.84 -4.71
CA HIS B 77 2.54 -5.52 -5.50
C HIS B 77 3.94 -5.09 -5.14
N LYS B 78 4.84 -6.07 -5.02
CA LYS B 78 6.24 -5.77 -4.84
C LYS B 78 6.96 -5.98 -6.18
N LYS B 79 7.77 -5.00 -6.57
CA LYS B 79 8.47 -5.10 -7.84
C LYS B 79 9.55 -6.17 -7.66
N PRO B 80 9.72 -7.05 -8.66
CA PRO B 80 10.84 -7.97 -8.63
C PRO B 80 12.13 -7.26 -9.01
N ASN B 81 13.24 -7.54 -8.31
CA ASN B 81 14.57 -7.12 -8.76
C ASN B 81 15.18 -8.03 -9.80
N GLY B 82 15.80 -9.13 -9.38
CA GLY B 82 16.64 -9.89 -10.30
C GLY B 82 15.89 -10.81 -11.25
N LEU B 83 16.64 -11.74 -11.83
CA LEU B 83 16.02 -12.95 -12.38
C LEU B 83 15.20 -13.69 -11.34
N VAL B 84 15.73 -13.85 -10.13
CA VAL B 84 15.06 -14.70 -9.13
C VAL B 84 13.72 -14.13 -8.79
N ASP B 85 13.70 -12.86 -8.36
CA ASP B 85 12.44 -12.15 -8.11
C ASP B 85 11.49 -12.22 -9.37
N THR B 86 12.03 -12.02 -10.57
CA THR B 86 11.20 -12.17 -11.79
C THR B 86 10.70 -13.62 -12.03
N LEU B 87 11.54 -14.61 -11.76
CA LEU B 87 11.21 -15.99 -12.08
C LEU B 87 10.07 -16.42 -11.14
N ALA B 88 10.29 -16.22 -9.84
CA ALA B 88 9.24 -16.38 -8.81
C ALA B 88 7.90 -15.86 -9.31
N TYR B 89 7.91 -14.63 -9.75
CA TYR B 89 6.71 -14.08 -10.28
C TYR B 89 6.13 -14.77 -11.57
N ARG B 90 6.96 -15.30 -12.46
CA ARG B 90 6.41 -16.05 -13.61
C ARG B 90 5.68 -17.37 -13.20
N SER B 91 6.36 -18.19 -12.42
CA SER B 91 5.76 -19.44 -11.96
C SER B 91 4.44 -19.20 -11.15
N VAL B 92 4.45 -18.24 -10.21
CA VAL B 92 3.25 -17.97 -9.40
C VAL B 92 2.12 -17.48 -10.26
N ARG B 93 2.44 -16.71 -11.31
CA ARG B 93 1.42 -16.29 -12.28
C ARG B 93 0.96 -17.43 -13.15
N THR B 94 1.88 -18.23 -13.66
CA THR B 94 1.51 -19.31 -14.60
C THR B 94 0.66 -20.38 -13.88
N CYS B 95 1.07 -20.78 -12.67
CA CYS B 95 0.24 -21.61 -11.78
C CYS B 95 -1.19 -21.09 -11.46
N ARG B 96 -1.40 -19.76 -11.44
CA ARG B 96 -2.76 -19.17 -11.31
C ARG B 96 -3.50 -19.57 -12.56
N TRP B 97 -2.88 -19.25 -13.68
CA TRP B 97 -3.54 -19.40 -14.95
C TRP B 97 -4.02 -20.83 -15.20
N LEU B 98 -3.14 -21.79 -14.91
CA LEU B 98 -3.45 -23.20 -15.09
C LEU B 98 -4.53 -23.62 -14.12
N PHE B 99 -4.30 -23.44 -12.82
CA PHE B 99 -5.30 -23.88 -11.86
C PHE B 99 -6.68 -23.23 -12.04
N ASP B 100 -6.73 -21.98 -12.50
CA ASP B 100 -7.99 -21.35 -12.93
C ASP B 100 -8.68 -22.05 -14.11
N THR B 101 -7.91 -22.33 -15.15
CA THR B 101 -8.46 -22.93 -16.35
C THR B 101 -8.77 -24.43 -16.09
N PHE B 102 -7.98 -25.09 -15.24
CA PHE B 102 -8.29 -26.47 -14.83
C PHE B 102 -9.35 -26.60 -13.74
N SER B 103 -9.69 -25.53 -13.00
CA SER B 103 -10.82 -25.55 -12.02
C SER B 103 -12.07 -24.78 -12.49
N LEU B 104 -12.09 -24.39 -13.77
CA LEU B 104 -13.23 -23.70 -14.36
C LEU B 104 -13.68 -22.50 -13.50
N TYR B 105 -12.74 -21.74 -12.96
CA TYR B 105 -13.06 -20.56 -12.16
C TYR B 105 -13.65 -19.47 -13.06
N ARG B 106 -13.21 -19.42 -14.31
CA ARG B 106 -13.79 -18.53 -15.34
C ARG B 106 -15.22 -18.94 -15.71
N PHE B 107 -15.38 -20.07 -16.42
CA PHE B 107 -16.70 -20.44 -16.99
C PHE B 107 -17.71 -20.95 -15.92
N GLY B 108 -18.41 -19.98 -15.32
CA GLY B 108 -19.43 -20.20 -14.28
C GLY B 108 -19.71 -18.95 -13.43
N SER B 109 -20.47 -19.13 -12.35
CA SER B 109 -20.76 -18.07 -11.37
C SER B 109 -19.84 -18.19 -10.16
N ILE B 110 -19.72 -17.12 -9.39
CA ILE B 110 -18.94 -17.17 -8.14
C ILE B 110 -19.75 -17.86 -7.05
N THR B 111 -19.98 -19.15 -7.26
CA THR B 111 -20.80 -19.95 -6.38
C THR B 111 -19.95 -20.27 -5.19
N GLU B 112 -20.56 -20.36 -4.01
CA GLU B 112 -19.81 -20.61 -2.77
C GLU B 112 -19.01 -21.91 -2.86
N SER B 113 -19.56 -22.89 -3.60
CA SER B 113 -18.86 -24.14 -3.91
C SER B 113 -17.40 -23.93 -4.28
N LYS B 114 -17.14 -23.42 -5.48
CA LYS B 114 -15.75 -23.34 -6.00
C LYS B 114 -14.91 -22.21 -5.39
N VAL B 115 -15.48 -21.45 -4.46
CA VAL B 115 -14.71 -20.60 -3.55
C VAL B 115 -14.12 -21.41 -2.41
N ILE B 116 -14.94 -22.22 -1.72
CA ILE B 116 -14.43 -23.09 -0.64
C ILE B 116 -13.57 -24.18 -1.27
N SER B 117 -14.19 -25.03 -2.07
CA SER B 117 -13.44 -26.04 -2.79
C SER B 117 -12.07 -25.54 -3.27
N ARG B 118 -11.98 -24.28 -3.70
CA ARG B 118 -10.65 -23.69 -4.03
C ARG B 118 -9.67 -23.48 -2.84
N CYS B 119 -10.07 -22.77 -1.79
CA CYS B 119 -9.18 -22.44 -0.63
C CYS B 119 -8.66 -23.68 0.09
N LEU B 120 -9.59 -24.55 0.42
CA LEU B 120 -9.35 -25.95 0.74
C LEU B 120 -8.12 -26.55 0.01
N PHE B 121 -8.25 -26.85 -1.29
CA PHE B 121 -7.15 -27.42 -2.09
C PHE B 121 -5.90 -26.65 -1.78
N LEU B 122 -6.05 -25.34 -1.91
CA LEU B 122 -4.95 -24.41 -1.85
C LEU B 122 -4.30 -24.19 -0.49
N GLU B 123 -5.02 -24.43 0.59
CA GLU B 123 -4.38 -24.43 1.89
C GLU B 123 -3.66 -25.78 2.13
N THR B 124 -3.91 -26.80 1.30
CA THR B 124 -3.10 -28.02 1.37
C THR B 124 -1.64 -27.75 0.93
N VAL B 125 -1.46 -26.77 0.03
CA VAL B 125 -0.13 -26.37 -0.42
C VAL B 125 0.44 -25.17 0.38
N ALA B 126 -0.39 -24.29 0.93
CA ALA B 126 0.12 -23.21 1.81
C ALA B 126 0.69 -23.73 3.14
N GLY B 127 0.19 -24.87 3.55
CA GLY B 127 0.75 -25.54 4.70
C GLY B 127 2.22 -25.96 4.60
N VAL B 128 2.81 -25.94 3.39
CA VAL B 128 4.16 -26.48 3.15
C VAL B 128 5.37 -25.52 3.20
N PRO B 129 5.41 -24.44 2.41
CA PRO B 129 6.65 -23.61 2.39
C PRO B 129 7.20 -23.31 3.77
N GLY B 130 6.32 -22.83 4.65
CA GLY B 130 6.64 -22.57 6.05
C GLY B 130 7.26 -23.75 6.76
N MET B 131 6.70 -24.95 6.54
CA MET B 131 7.19 -26.15 7.24
C MET B 131 8.58 -26.60 6.75
N VAL B 132 8.78 -26.63 5.40
CA VAL B 132 10.12 -26.91 4.81
C VAL B 132 11.14 -25.79 5.06
N GLY B 133 10.72 -24.53 5.15
CA GLY B 133 11.61 -23.42 5.63
C GLY B 133 12.03 -23.46 7.11
N GLY B 134 11.07 -23.63 8.00
CA GLY B 134 11.38 -23.77 9.41
C GLY B 134 12.23 -25.02 9.68
N MET B 135 12.01 -26.05 8.88
CA MET B 135 12.73 -27.31 9.08
C MET B 135 14.21 -27.10 8.84
N LEU B 136 14.52 -26.39 7.75
CA LEU B 136 15.91 -26.29 7.30
C LEU B 136 16.73 -25.39 8.27
N ARG B 137 16.18 -24.21 8.60
CA ARG B 137 16.86 -23.29 9.52
C ARG B 137 17.15 -23.86 10.94
N HIS B 138 16.22 -24.71 11.39
CA HIS B 138 16.40 -25.52 12.56
C HIS B 138 17.61 -26.41 12.32
N LEU B 139 17.57 -27.22 11.25
CA LEU B 139 18.71 -28.09 10.94
C LEU B 139 20.06 -27.34 10.79
N SER B 140 20.08 -26.19 10.13
CA SER B 140 21.32 -25.39 10.06
C SER B 140 21.73 -24.88 11.45
N SER B 141 20.76 -24.30 12.18
CA SER B 141 21.02 -23.79 13.53
C SER B 141 21.75 -24.85 14.30
N LEU B 142 21.17 -26.05 14.35
CA LEU B 142 21.79 -27.19 15.06
C LEU B 142 23.18 -27.41 14.59
N ARG B 143 23.36 -27.67 13.28
CA ARG B 143 24.56 -28.33 12.76
C ARG B 143 25.78 -27.46 12.63
N TYR B 144 25.56 -26.13 12.60
CA TYR B 144 26.62 -25.14 12.79
C TYR B 144 26.46 -24.47 14.16
N MET B 145 25.83 -25.10 15.14
CA MET B 145 25.67 -24.46 16.46
C MET B 145 25.37 -22.91 16.53
N THR B 146 24.74 -22.32 15.52
CA THR B 146 24.49 -20.86 15.54
C THR B 146 23.03 -20.46 15.84
N ARG B 147 22.88 -19.45 16.72
CA ARG B 147 21.60 -18.79 17.06
C ARG B 147 20.81 -18.40 15.84
N ASP B 148 19.51 -18.71 15.85
CA ASP B 148 18.64 -18.55 14.67
C ASP B 148 17.78 -17.30 14.68
N LYS B 149 17.70 -16.66 15.84
CA LYS B 149 17.15 -15.30 15.94
C LYS B 149 15.64 -15.12 15.53
N GLY B 150 14.78 -16.04 15.96
CA GLY B 150 13.34 -15.87 15.77
C GLY B 150 12.79 -16.11 14.36
N TRP B 151 13.49 -16.85 13.53
CA TRP B 151 12.97 -17.18 12.20
C TRP B 151 12.16 -18.47 12.20
N ILE B 152 12.74 -19.53 12.81
CA ILE B 152 12.20 -20.88 12.73
C ILE B 152 10.76 -20.79 13.21
N ASN B 153 10.56 -20.41 14.47
CA ASN B 153 9.19 -20.38 15.01
C ASN B 153 8.24 -19.53 14.17
N THR B 154 8.64 -18.30 13.83
CA THR B 154 7.83 -17.48 12.95
C THR B 154 7.48 -18.33 11.74
N LEU B 155 8.51 -18.91 11.10
CA LEU B 155 8.26 -19.72 9.89
C LEU B 155 7.37 -20.93 10.12
N LEU B 156 7.57 -21.68 11.19
CA LEU B 156 6.59 -22.71 11.61
C LEU B 156 5.15 -22.13 11.72
N VAL B 157 4.87 -21.18 12.66
CA VAL B 157 3.44 -20.76 12.91
C VAL B 157 2.73 -20.28 11.66
N GLU B 158 3.48 -19.67 10.74
CA GLU B 158 2.97 -19.37 9.39
C GLU B 158 2.28 -20.61 8.82
N ALA B 159 2.97 -21.76 8.87
CA ALA B 159 2.42 -23.01 8.35
C ALA B 159 1.25 -23.54 9.18
N GLU B 160 1.38 -23.48 10.51
CA GLU B 160 0.29 -23.94 11.37
C GLU B 160 -0.93 -23.14 11.01
N ASN B 161 -0.77 -21.82 11.06
CA ASN B 161 -1.82 -20.95 10.66
C ASN B 161 -2.43 -21.47 9.38
N GLU B 162 -1.67 -21.57 8.28
CA GLU B 162 -2.25 -22.03 6.98
C GLU B 162 -3.01 -23.34 7.08
N ARG B 163 -2.52 -24.27 7.89
CA ARG B 163 -3.19 -25.55 8.10
C ARG B 163 -4.56 -25.31 8.71
N MET B 164 -4.59 -24.46 9.74
CA MET B 164 -5.84 -24.02 10.37
C MET B 164 -6.79 -23.19 9.49
N HIS B 165 -6.35 -22.75 8.33
CA HIS B 165 -7.32 -22.38 7.32
C HIS B 165 -7.97 -23.66 6.79
N LEU B 166 -7.19 -24.54 6.19
CA LEU B 166 -7.68 -25.83 5.62
C LEU B 166 -8.61 -26.60 6.60
N MET B 167 -8.22 -26.71 7.87
CA MET B 167 -9.07 -27.32 8.91
C MET B 167 -10.42 -26.64 9.00
N THR B 168 -10.43 -25.31 9.15
CA THR B 168 -11.66 -24.54 9.09
C THR B 168 -12.51 -24.89 7.87
N PHE B 169 -11.97 -24.65 6.67
CA PHE B 169 -12.67 -24.96 5.39
C PHE B 169 -13.20 -26.38 5.28
N ILE B 170 -12.47 -27.34 5.85
CA ILE B 170 -12.88 -28.75 5.84
C ILE B 170 -14.29 -28.96 6.45
N GLU B 171 -14.68 -28.13 7.43
CA GLU B 171 -16.02 -28.21 8.02
C GLU B 171 -17.09 -27.44 7.19
N LEU B 172 -16.70 -26.36 6.54
CA LEU B 172 -17.59 -25.67 5.59
C LEU B 172 -17.91 -26.51 4.33
N ARG B 173 -17.01 -27.40 3.90
CA ARG B 173 -17.28 -28.31 2.76
C ARG B 173 -16.31 -29.46 2.72
N GLN B 174 -16.81 -30.71 2.66
CA GLN B 174 -15.92 -31.87 2.51
C GLN B 174 -15.80 -32.18 1.01
N PRO B 175 -14.55 -32.39 0.51
CA PRO B 175 -14.30 -32.50 -0.92
C PRO B 175 -14.47 -33.90 -1.40
N GLY B 176 -14.72 -34.05 -2.71
CA GLY B 176 -14.89 -35.37 -3.34
C GLY B 176 -13.55 -36.03 -3.61
N LEU B 177 -13.55 -37.34 -3.81
CA LEU B 177 -12.31 -38.11 -4.04
C LEU B 177 -11.37 -37.54 -5.09
N PRO B 178 -11.87 -37.27 -6.32
CA PRO B 178 -11.00 -36.54 -7.27
C PRO B 178 -10.04 -35.56 -6.58
N LEU B 179 -10.63 -34.58 -5.91
CA LEU B 179 -9.86 -33.49 -5.31
C LEU B 179 -9.07 -33.99 -4.13
N ARG B 180 -9.55 -35.07 -3.49
CA ARG B 180 -8.82 -35.70 -2.36
C ARG B 180 -7.51 -36.31 -2.84
N VAL B 181 -7.57 -36.96 -4.02
CA VAL B 181 -6.36 -37.40 -4.72
C VAL B 181 -5.57 -36.21 -5.22
N SER B 182 -6.14 -35.39 -6.12
CA SER B 182 -5.36 -34.26 -6.68
C SER B 182 -4.43 -33.65 -5.61
N ILE B 183 -4.96 -33.49 -4.40
CA ILE B 183 -4.22 -33.00 -3.24
C ILE B 183 -2.92 -33.77 -2.87
N ILE B 184 -3.02 -35.11 -2.80
CA ILE B 184 -1.87 -35.99 -2.47
C ILE B 184 -0.77 -35.97 -3.55
N ILE B 185 -1.12 -36.36 -4.79
CA ILE B 185 -0.17 -36.31 -5.94
C ILE B 185 0.48 -34.91 -6.09
N THR B 186 -0.02 -33.92 -5.33
CA THR B 186 0.44 -32.54 -5.34
C THR B 186 1.33 -32.24 -4.21
N GLN B 187 1.00 -32.75 -3.03
CA GLN B 187 1.96 -32.64 -1.95
C GLN B 187 3.31 -33.29 -2.34
N ALA B 188 3.28 -34.31 -3.21
CA ALA B 188 4.53 -34.91 -3.72
C ALA B 188 5.36 -33.88 -4.52
N ILE B 189 4.90 -33.49 -5.70
CA ILE B 189 5.54 -32.39 -6.45
C ILE B 189 6.06 -31.25 -5.51
N MET B 190 5.15 -30.66 -4.73
CA MET B 190 5.42 -29.49 -3.91
C MET B 190 6.23 -29.74 -2.65
N TYR B 191 6.13 -30.91 -2.03
CA TYR B 191 7.07 -31.19 -0.92
C TYR B 191 8.50 -31.47 -1.43
N LEU B 192 8.65 -31.81 -2.71
CA LEU B 192 9.99 -31.91 -3.24
C LEU B 192 10.48 -30.54 -3.71
N PHE B 193 9.71 -29.92 -4.60
CA PHE B 193 10.07 -28.62 -5.20
C PHE B 193 10.58 -27.66 -4.13
N LEU B 194 9.76 -27.48 -3.10
CA LEU B 194 10.02 -26.52 -2.03
C LEU B 194 11.21 -26.98 -1.22
N LEU B 195 11.30 -28.28 -1.00
CA LEU B 195 12.47 -28.83 -0.30
C LEU B 195 13.77 -28.44 -1.00
N VAL B 196 13.84 -28.67 -2.33
CA VAL B 196 15.11 -28.44 -3.03
C VAL B 196 15.30 -26.93 -3.27
N ALA B 197 14.32 -26.25 -3.87
CA ALA B 197 14.41 -24.78 -4.05
C ALA B 197 14.96 -24.10 -2.79
N TYR B 198 14.32 -24.34 -1.62
CA TYR B 198 14.71 -23.72 -0.33
C TYR B 198 16.20 -24.00 0.12
N VAL B 199 16.81 -25.01 -0.47
CA VAL B 199 18.24 -25.24 -0.25
C VAL B 199 19.03 -24.35 -1.21
N ILE B 200 18.74 -24.52 -2.52
CA ILE B 200 19.36 -23.73 -3.58
C ILE B 200 19.09 -22.24 -3.38
N SER B 201 17.85 -21.89 -3.13
CA SER B 201 17.45 -20.51 -3.19
C SER B 201 16.26 -20.23 -2.32
N PRO B 202 16.43 -20.31 -1.01
CA PRO B 202 15.34 -19.88 -0.12
C PRO B 202 14.76 -18.51 -0.51
N ARG B 203 15.61 -17.61 -1.01
CA ARG B 203 15.14 -16.33 -1.53
C ARG B 203 14.11 -16.53 -2.62
N PHE B 204 14.36 -17.46 -3.55
CA PHE B 204 13.39 -17.73 -4.63
C PHE B 204 12.02 -18.24 -4.10
N VAL B 205 12.05 -18.99 -3.00
CA VAL B 205 10.87 -19.47 -2.30
C VAL B 205 10.21 -18.35 -1.44
N HIS B 206 10.94 -17.77 -0.47
CA HIS B 206 10.44 -16.58 0.29
C HIS B 206 9.97 -15.40 -0.55
N ARG B 207 10.31 -15.37 -1.83
CA ARG B 207 9.60 -14.52 -2.82
C ARG B 207 8.43 -15.26 -3.43
N PHE B 208 8.63 -16.50 -3.85
CA PHE B 208 7.56 -17.32 -4.48
C PHE B 208 6.30 -17.32 -3.65
N VAL B 209 6.53 -17.36 -2.34
CA VAL B 209 5.46 -17.39 -1.34
C VAL B 209 4.89 -16.00 -1.26
N GLY B 210 5.76 -15.02 -1.07
CA GLY B 210 5.35 -13.61 -1.15
C GLY B 210 4.43 -13.24 -2.30
N TYR B 211 4.54 -13.89 -3.49
CA TYR B 211 3.71 -13.54 -4.66
C TYR B 211 2.41 -14.33 -4.74
N LEU B 212 2.40 -15.48 -4.06
CA LEU B 212 1.21 -16.30 -3.94
C LEU B 212 0.27 -15.61 -2.99
N GLU B 213 0.78 -15.22 -1.81
CA GLU B 213 -0.06 -14.50 -0.84
C GLU B 213 -0.77 -13.31 -1.49
N GLU B 214 -0.06 -12.54 -2.30
CA GLU B 214 -0.67 -11.51 -3.15
C GLU B 214 -1.95 -12.02 -3.88
N GLU B 215 -1.83 -12.99 -4.79
CA GLU B 215 -3.01 -13.63 -5.41
C GLU B 215 -4.09 -14.08 -4.36
N ALA B 216 -3.65 -14.57 -3.19
CA ALA B 216 -4.51 -14.96 -2.06
C ALA B 216 -5.27 -13.80 -1.45
N VAL B 217 -4.54 -12.79 -0.97
CA VAL B 217 -5.15 -11.56 -0.40
C VAL B 217 -6.01 -10.80 -1.42
N ILE B 218 -5.72 -10.92 -2.72
CA ILE B 218 -6.68 -10.59 -3.81
C ILE B 218 -7.92 -11.51 -3.68
N THR B 219 -7.82 -12.75 -4.14
CA THR B 219 -8.97 -13.64 -4.18
C THR B 219 -9.90 -13.48 -2.97
N TYR B 220 -9.35 -13.22 -1.79
CA TYR B 220 -10.18 -13.05 -0.56
C TYR B 220 -10.83 -11.66 -0.42
N THR B 221 -10.21 -10.62 -0.97
CA THR B 221 -10.96 -9.35 -1.19
C THR B 221 -11.96 -9.48 -2.37
N GLY B 222 -11.67 -10.29 -3.37
CA GLY B 222 -12.67 -10.57 -4.41
C GLY B 222 -13.98 -11.15 -3.86
N VAL B 223 -13.87 -11.94 -2.80
CA VAL B 223 -14.99 -12.66 -2.27
C VAL B 223 -15.71 -11.79 -1.24
N MET B 224 -15.00 -11.01 -0.45
CA MET B 224 -15.64 -10.06 0.48
C MET B 224 -16.34 -8.94 -0.26
N ARG B 225 -15.80 -8.53 -1.42
CA ARG B 225 -16.48 -7.59 -2.33
C ARG B 225 -17.83 -8.18 -2.76
N ALA B 226 -17.79 -9.39 -3.32
CA ALA B 226 -18.96 -10.07 -3.90
C ALA B 226 -20.07 -10.42 -2.91
N ILE B 227 -19.75 -10.54 -1.62
CA ILE B 227 -20.76 -10.70 -0.57
C ILE B 227 -21.52 -9.40 -0.34
N ASP B 228 -20.81 -8.27 -0.45
CA ASP B 228 -21.44 -6.94 -0.48
C ASP B 228 -22.26 -6.74 -1.77
N GLU B 229 -21.62 -6.57 -2.93
CA GLU B 229 -22.31 -6.54 -4.22
C GLU B 229 -23.51 -7.51 -4.30
N GLY B 230 -23.48 -8.60 -3.53
CA GLY B 230 -24.61 -9.52 -3.47
C GLY B 230 -24.68 -10.47 -4.65
N ARG B 231 -23.64 -10.51 -5.48
CA ARG B 231 -23.44 -11.56 -6.51
C ARG B 231 -23.30 -12.99 -5.95
N LEU B 232 -22.95 -13.13 -4.66
CA LEU B 232 -22.83 -14.41 -3.94
C LEU B 232 -23.38 -14.27 -2.51
N ARG B 233 -24.29 -15.18 -2.13
CA ARG B 233 -24.96 -15.16 -0.81
C ARG B 233 -24.46 -16.33 0.03
N PRO B 234 -23.59 -16.07 1.01
CA PRO B 234 -22.95 -17.20 1.69
C PRO B 234 -23.89 -18.04 2.58
N THR B 235 -24.18 -19.29 2.21
CA THR B 235 -25.06 -20.17 3.03
C THR B 235 -24.45 -20.74 4.32
N LYS B 236 -23.12 -20.72 4.46
CA LYS B 236 -22.45 -21.15 5.69
C LYS B 236 -22.08 -19.94 6.55
N ASN B 237 -23.12 -19.23 7.00
CA ASN B 237 -22.96 -18.18 8.02
C ASN B 237 -23.16 -18.76 9.41
N ASP B 238 -22.62 -19.97 9.59
CA ASP B 238 -22.16 -20.47 10.87
C ASP B 238 -20.63 -20.53 10.70
N VAL B 239 -19.89 -20.20 11.76
CA VAL B 239 -18.43 -20.36 11.73
C VAL B 239 -17.94 -21.48 12.68
N PRO B 240 -17.25 -22.50 12.13
CA PRO B 240 -16.73 -23.66 12.84
C PRO B 240 -16.22 -23.36 14.22
N GLU B 241 -16.47 -24.22 15.18
CA GLU B 241 -15.99 -23.97 16.54
C GLU B 241 -14.45 -23.88 16.59
N VAL B 242 -13.74 -24.63 15.71
CA VAL B 242 -12.24 -24.53 15.54
C VAL B 242 -11.74 -23.13 15.32
N ALA B 243 -12.34 -22.52 14.29
CA ALA B 243 -12.01 -21.18 13.79
C ALA B 243 -12.66 -20.08 14.60
N ARG B 244 -13.47 -20.44 15.60
CA ARG B 244 -13.97 -19.45 16.52
C ARG B 244 -12.94 -19.32 17.63
N VAL B 245 -12.60 -20.39 18.35
CA VAL B 245 -11.52 -20.25 19.37
C VAL B 245 -10.23 -19.61 18.76
N TYR B 246 -9.76 -20.12 17.60
CA TYR B 246 -8.45 -19.74 17.03
C TYR B 246 -8.40 -18.26 16.76
N TRP B 247 -9.36 -17.76 15.99
CA TRP B 247 -9.42 -16.33 15.69
C TRP B 247 -10.11 -15.49 16.77
N ASN B 248 -10.53 -16.15 17.85
CA ASN B 248 -11.28 -15.54 18.95
C ASN B 248 -12.39 -14.59 18.46
N LEU B 249 -13.19 -15.06 17.52
CA LEU B 249 -14.32 -14.32 16.98
C LEU B 249 -15.45 -14.39 18.00
N SER B 250 -16.58 -13.75 17.65
CA SER B 250 -17.87 -13.93 18.35
C SER B 250 -18.53 -15.27 17.99
N LYS B 251 -19.79 -15.42 18.41
CA LYS B 251 -20.69 -16.47 17.89
C LYS B 251 -21.65 -15.90 16.81
N ASN B 252 -21.68 -14.57 16.69
CA ASN B 252 -22.47 -13.88 15.66
C ASN B 252 -21.72 -13.79 14.32
N ALA B 253 -20.40 -13.94 14.36
CA ALA B 253 -19.56 -13.55 13.23
C ALA B 253 -19.88 -14.32 11.94
N THR B 254 -20.26 -13.60 10.89
CA THR B 254 -20.54 -14.14 9.54
C THR B 254 -19.36 -14.81 8.83
N PHE B 255 -19.70 -15.58 7.79
CA PHE B 255 -18.73 -16.07 6.80
C PHE B 255 -17.80 -14.97 6.36
N ARG B 256 -18.38 -13.82 6.02
CA ARG B 256 -17.60 -12.67 5.56
C ARG B 256 -16.52 -12.31 6.57
N ASP B 257 -16.88 -12.32 7.85
CA ASP B 257 -15.92 -12.01 8.92
C ASP B 257 -14.75 -13.02 9.01
N LEU B 258 -15.11 -14.31 8.94
CA LEU B 258 -14.13 -15.39 8.79
C LEU B 258 -13.20 -15.12 7.60
N ILE B 259 -13.73 -14.99 6.38
CA ILE B 259 -12.90 -14.56 5.24
C ILE B 259 -12.01 -13.36 5.63
N ASN B 260 -12.61 -12.31 6.18
CA ASN B 260 -11.88 -11.07 6.49
C ASN B 260 -10.64 -11.29 7.35
N VAL B 261 -10.74 -12.18 8.34
CA VAL B 261 -9.55 -12.55 9.15
C VAL B 261 -8.56 -13.39 8.34
N ILE B 262 -9.01 -14.51 7.76
CA ILE B 262 -8.13 -15.40 6.98
C ILE B 262 -7.33 -14.52 6.02
N ARG B 263 -8.04 -13.69 5.29
CA ARG B 263 -7.43 -12.69 4.43
C ARG B 263 -6.30 -11.81 5.07
N ALA B 264 -6.45 -11.41 6.33
CA ALA B 264 -5.43 -10.61 7.02
C ALA B 264 -4.22 -11.45 7.46
N ASP B 265 -4.46 -12.67 7.95
CA ASP B 265 -3.40 -13.73 8.07
C ASP B 265 -2.56 -13.85 6.78
N GLU B 266 -3.24 -14.06 5.66
CA GLU B 266 -2.60 -14.18 4.35
C GLU B 266 -1.79 -12.94 4.02
N ALA B 267 -2.19 -11.79 4.56
CA ALA B 267 -1.46 -10.53 4.36
C ALA B 267 -0.34 -10.32 5.36
N GLU B 268 -0.52 -10.78 6.60
CA GLU B 268 0.66 -10.98 7.46
C GLU B 268 1.72 -11.75 6.66
N HIS B 269 1.33 -12.80 5.95
CA HIS B 269 2.29 -13.65 5.26
C HIS B 269 2.97 -12.92 4.05
N ARG B 270 2.15 -12.50 3.10
CA ARG B 270 2.60 -11.68 1.96
C ARG B 270 3.82 -10.77 2.19
N VAL B 271 3.85 -10.05 3.32
CA VAL B 271 4.88 -9.01 3.62
C VAL B 271 6.10 -9.54 4.37
N VAL B 272 5.84 -10.46 5.31
CA VAL B 272 6.89 -11.11 6.07
C VAL B 272 7.77 -11.92 5.12
N ASN B 273 7.15 -12.76 4.28
CA ASN B 273 7.91 -13.50 3.27
C ASN B 273 8.67 -12.59 2.33
N HIS B 274 8.19 -11.40 2.02
CA HIS B 274 8.93 -10.51 1.12
C HIS B 274 10.10 -9.88 1.87
N THR B 275 9.80 -9.39 3.07
CA THR B 275 10.84 -8.98 3.98
C THR B 275 11.93 -10.06 4.12
N PHE B 276 11.56 -11.34 4.22
CA PHE B 276 12.57 -12.43 4.24
C PHE B 276 13.34 -12.60 2.93
N ALA B 277 12.62 -12.56 1.82
CA ALA B 277 13.24 -12.65 0.55
C ALA B 277 14.27 -11.54 0.50
N ASP B 278 13.86 -10.30 0.77
CA ASP B 278 14.76 -9.11 0.78
C ASP B 278 15.96 -9.26 1.73
N MET B 279 15.74 -9.84 2.90
CA MET B 279 16.85 -10.06 3.85
C MET B 279 17.86 -11.08 3.28
N HIS B 280 17.40 -11.98 2.40
CA HIS B 280 18.34 -12.78 1.63
C HIS B 280 19.13 -11.93 0.58
N GLU B 281 18.39 -11.17 -0.20
CA GLU B 281 18.93 -10.25 -1.21
C GLU B 281 20.09 -9.39 -0.66
N LYS B 282 20.01 -8.90 0.58
CA LYS B 282 21.04 -8.03 1.18
C LYS B 282 21.93 -8.79 2.18
N ARG B 283 22.27 -10.04 1.89
CA ARG B 283 23.08 -10.84 2.81
C ARG B 283 22.66 -10.70 4.30
N LEU B 284 21.37 -10.67 4.59
CA LEU B 284 20.91 -10.52 5.99
C LEU B 284 20.20 -11.80 6.54
N GLN B 285 20.52 -12.99 6.02
CA GLN B 285 19.80 -14.23 6.41
C GLN B 285 19.96 -14.59 7.85
N ASN B 286 20.96 -14.03 8.53
CA ASN B 286 21.25 -14.35 9.92
C ASN B 286 21.11 -13.17 10.85
N SER B 287 20.39 -12.15 10.40
CA SER B 287 20.09 -11.05 11.26
C SER B 287 18.86 -11.48 12.03
N VAL B 288 18.48 -10.66 13.02
CA VAL B 288 17.34 -10.96 13.88
C VAL B 288 16.10 -10.73 13.06
N ASN B 289 15.16 -11.68 13.18
CA ASN B 289 13.85 -11.56 12.56
C ASN B 289 13.32 -10.18 13.04
N PRO B 290 12.96 -9.30 12.09
CA PRO B 290 12.35 -8.02 12.41
C PRO B 290 10.83 -8.08 12.66
N PHE B 291 10.29 -9.25 12.94
CA PHE B 291 8.90 -9.39 13.34
C PHE B 291 8.74 -9.94 14.75
N VAL B 292 9.85 -10.25 15.45
CA VAL B 292 9.73 -10.73 16.82
C VAL B 292 9.37 -9.58 17.69
N VAL B 293 9.91 -8.43 17.36
CA VAL B 293 9.57 -7.23 18.07
C VAL B 293 8.19 -6.79 17.59
N LEU B 294 8.08 -6.44 16.30
CA LEU B 294 6.83 -5.92 15.65
C LEU B 294 5.51 -6.74 16.00
N LYS B 295 5.64 -7.80 16.82
CA LYS B 295 4.52 -8.44 17.52
C LYS B 295 3.56 -7.45 18.19
N VAL C 32 12.91 39.58 -14.92
CA VAL C 32 12.87 40.44 -16.15
C VAL C 32 11.44 40.44 -16.79
N TRP C 33 10.43 40.54 -15.92
CA TRP C 33 9.04 40.73 -16.35
C TRP C 33 8.51 41.93 -15.63
N GLY C 34 9.00 43.09 -16.03
CA GLY C 34 8.62 44.37 -15.47
C GLY C 34 7.80 45.21 -16.43
N HIS C 35 7.67 46.50 -16.07
CA HIS C 35 6.86 47.49 -16.81
C HIS C 35 7.21 47.59 -18.29
N THR C 36 8.51 47.59 -18.61
CA THR C 36 8.97 47.77 -19.97
C THR C 36 8.21 46.88 -20.94
N GLN C 37 7.95 45.65 -20.50
CA GLN C 37 7.14 44.68 -21.25
C GLN C 37 5.63 44.97 -21.10
N LEU C 38 5.19 45.38 -19.91
CA LEU C 38 3.79 45.78 -19.62
C LEU C 38 3.28 47.04 -20.33
N ASN C 39 4.17 47.74 -21.01
CA ASN C 39 3.79 48.83 -21.87
C ASN C 39 4.04 48.56 -23.34
N ARG C 40 4.34 47.30 -23.69
CA ARG C 40 4.34 46.96 -25.09
C ARG C 40 2.90 46.67 -25.56
N LEU C 41 2.73 46.54 -26.86
CA LEU C 41 1.39 46.54 -27.48
C LEU C 41 0.97 45.17 -27.90
N SER C 42 1.87 44.49 -28.62
CA SER C 42 1.61 43.15 -29.14
C SER C 42 2.90 42.45 -29.42
N PHE C 43 3.19 41.44 -28.60
CA PHE C 43 4.42 40.65 -28.77
C PHE C 43 4.49 39.80 -30.06
N LEU C 44 3.38 39.67 -30.80
CA LEU C 44 3.37 39.00 -32.11
C LEU C 44 4.74 38.86 -32.78
N GLU C 45 5.46 39.97 -32.92
CA GLU C 45 6.79 39.97 -33.55
C GLU C 45 7.74 38.85 -33.03
N THR C 46 7.67 38.54 -31.73
CA THR C 46 8.55 37.51 -31.10
C THR C 46 8.33 36.03 -31.45
N VAL C 47 7.16 35.64 -31.96
CA VAL C 47 6.79 34.18 -31.98
C VAL C 47 7.65 33.22 -32.82
N PRO C 48 8.29 33.71 -33.92
CA PRO C 48 9.24 32.83 -34.60
C PRO C 48 10.68 32.77 -34.02
N VAL C 49 10.94 33.43 -32.87
CA VAL C 49 12.22 33.30 -32.12
C VAL C 49 12.03 32.83 -30.65
N VAL C 50 10.86 32.27 -30.33
CA VAL C 50 10.63 31.76 -28.97
C VAL C 50 10.65 30.25 -29.07
N PRO C 51 11.49 29.56 -28.23
CA PRO C 51 11.63 28.08 -28.33
C PRO C 51 10.42 27.26 -27.84
N LEU C 52 10.01 26.25 -28.62
CA LEU C 52 8.96 25.27 -28.21
C LEU C 52 9.59 24.23 -27.29
N ARG C 53 9.52 24.53 -25.99
CA ARG C 53 10.06 23.70 -24.94
C ARG C 53 8.95 22.84 -24.36
N VAL C 54 9.35 21.70 -23.82
CA VAL C 54 8.43 20.67 -23.37
C VAL C 54 8.00 20.95 -21.91
N SER C 55 8.80 21.73 -21.18
CA SER C 55 8.38 22.23 -19.86
C SER C 55 7.18 23.19 -19.96
N ASP C 56 7.03 23.87 -21.11
CA ASP C 56 5.94 24.83 -21.32
C ASP C 56 4.54 24.21 -21.56
N GLU C 57 4.50 22.93 -21.92
CA GLU C 57 3.23 22.29 -22.22
C GLU C 57 2.33 22.11 -20.98
N SER C 58 2.93 22.17 -19.78
CA SER C 58 2.20 22.09 -18.51
C SER C 58 2.40 23.36 -17.73
N SER C 59 1.78 23.38 -16.56
CA SER C 59 2.00 24.43 -15.57
C SER C 59 3.35 24.18 -14.91
N GLU C 60 3.53 24.76 -13.75
CA GLU C 60 4.63 24.44 -12.89
C GLU C 60 4.17 23.61 -11.69
N ASP C 61 2.88 23.23 -11.63
CA ASP C 61 2.38 22.35 -10.55
C ASP C 61 2.47 20.87 -11.01
N ARG C 62 3.56 20.23 -10.56
CA ARG C 62 4.06 18.96 -11.09
C ARG C 62 4.27 17.95 -9.97
N PRO C 63 3.80 16.70 -10.17
CA PRO C 63 3.98 15.75 -9.09
C PRO C 63 5.47 15.46 -8.87
N THR C 64 5.79 15.30 -7.58
CA THR C 64 7.15 15.10 -7.10
C THR C 64 7.19 13.73 -6.38
N TRP C 65 7.38 12.66 -7.15
CA TRP C 65 7.13 11.28 -6.70
C TRP C 65 8.39 10.47 -6.47
N SER C 66 8.71 10.13 -5.22
CA SER C 66 9.77 9.12 -4.92
C SER C 66 9.47 7.70 -5.44
N LEU C 67 10.01 7.36 -6.62
CA LEU C 67 9.78 6.05 -7.29
C LEU C 67 9.66 4.75 -6.41
N PRO C 68 10.59 4.52 -5.45
CA PRO C 68 10.45 3.48 -4.43
C PRO C 68 9.10 3.46 -3.70
N ASP C 69 8.68 4.66 -3.25
CA ASP C 69 7.51 4.84 -2.42
C ASP C 69 6.23 4.51 -3.18
N ILE C 70 6.03 5.10 -4.37
CA ILE C 70 4.75 4.85 -5.10
C ILE C 70 4.60 3.42 -5.67
N GLU C 71 5.60 2.58 -5.49
CA GLU C 71 5.44 1.16 -5.67
C GLU C 71 4.44 0.60 -4.64
N ASN C 72 4.49 1.09 -3.39
CA ASN C 72 3.49 0.73 -2.34
C ASN C 72 2.01 1.07 -2.64
N VAL C 73 1.78 2.02 -3.57
CA VAL C 73 0.43 2.37 -4.01
C VAL C 73 -0.34 1.06 -4.22
N ALA C 74 -1.23 0.77 -3.28
CA ALA C 74 -2.10 -0.40 -3.31
C ALA C 74 -3.40 -0.20 -4.13
N ILE C 75 -4.25 -1.22 -4.08
CA ILE C 75 -5.62 -1.09 -4.52
C ILE C 75 -6.53 -1.02 -3.31
N THR C 76 -7.50 -0.09 -3.39
CA THR C 76 -8.50 0.13 -2.35
C THR C 76 -9.91 0.16 -2.92
N HIS C 77 -10.90 -0.02 -2.05
CA HIS C 77 -12.28 0.21 -2.38
C HIS C 77 -12.93 0.86 -1.20
N LYS C 78 -13.50 2.04 -1.44
CA LYS C 78 -14.25 2.76 -0.42
C LYS C 78 -15.73 2.33 -0.39
N LYS C 79 -16.21 2.04 0.81
CA LYS C 79 -17.51 1.45 0.97
C LYS C 79 -18.59 2.52 0.72
N PRO C 80 -19.58 2.24 -0.16
CA PRO C 80 -20.77 3.14 -0.23
C PRO C 80 -21.65 3.14 1.04
N ASN C 81 -22.32 4.27 1.35
CA ASN C 81 -23.38 4.32 2.40
C ASN C 81 -24.80 4.55 1.84
N GLY C 82 -25.10 5.77 1.41
CA GLY C 82 -26.44 6.09 0.89
C GLY C 82 -26.65 5.59 -0.53
N LEU C 83 -27.80 5.99 -1.09
CA LEU C 83 -28.15 5.64 -2.47
C LEU C 83 -27.24 6.27 -3.52
N VAL C 84 -26.66 7.43 -3.24
CA VAL C 84 -25.84 8.16 -4.23
C VAL C 84 -24.48 7.47 -4.44
N ASP C 85 -23.85 7.08 -3.33
CA ASP C 85 -22.63 6.28 -3.37
C ASP C 85 -22.79 4.97 -4.16
N THR C 86 -24.00 4.38 -4.10
CA THR C 86 -24.35 3.15 -4.86
C THR C 86 -24.80 3.42 -6.29
N LEU C 87 -25.47 4.54 -6.51
CA LEU C 87 -25.88 4.92 -7.86
C LEU C 87 -24.67 5.42 -8.69
N ALA C 88 -23.68 6.02 -8.00
CA ALA C 88 -22.39 6.40 -8.60
C ALA C 88 -21.46 5.17 -8.85
N TYR C 89 -21.26 4.35 -7.82
CA TYR C 89 -20.52 3.08 -7.95
C TYR C 89 -21.08 2.23 -9.10
N ARG C 90 -22.39 2.00 -9.09
CA ARG C 90 -23.04 1.20 -10.12
C ARG C 90 -22.98 1.86 -11.50
N SER C 91 -23.16 3.19 -11.58
CA SER C 91 -23.02 3.86 -12.90
C SER C 91 -21.62 3.62 -13.54
N VAL C 92 -20.54 3.75 -12.76
CA VAL C 92 -19.17 3.39 -13.25
C VAL C 92 -19.05 1.92 -13.69
N ARG C 93 -19.68 1.00 -12.96
CA ARG C 93 -19.65 -0.42 -13.32
C ARG C 93 -20.38 -0.70 -14.64
N THR C 94 -21.43 0.08 -14.94
CA THR C 94 -22.11 0.08 -16.26
C THR C 94 -21.17 0.55 -17.40
N CYS C 95 -20.47 1.66 -17.15
CA CYS C 95 -19.48 2.21 -18.08
C CYS C 95 -18.38 1.21 -18.39
N ARG C 96 -17.86 0.56 -17.34
CA ARG C 96 -16.86 -0.50 -17.51
C ARG C 96 -17.42 -1.60 -18.42
N TRP C 97 -18.67 -2.00 -18.16
CA TRP C 97 -19.35 -3.01 -18.99
C TRP C 97 -19.63 -2.53 -20.43
N LEU C 98 -19.87 -1.22 -20.61
CA LEU C 98 -19.95 -0.59 -21.95
C LEU C 98 -18.67 -0.75 -22.77
N PHE C 99 -17.55 -0.43 -22.13
CA PHE C 99 -16.26 -0.36 -22.79
C PHE C 99 -15.56 -1.73 -22.84
N ASP C 100 -15.74 -2.56 -21.79
CA ASP C 100 -15.12 -3.92 -21.72
C ASP C 100 -15.54 -4.86 -22.86
N THR C 101 -16.78 -4.69 -23.34
CA THR C 101 -17.36 -5.61 -24.32
C THR C 101 -17.67 -5.00 -25.71
N PHE C 102 -17.45 -3.69 -25.92
CA PHE C 102 -17.42 -3.12 -27.30
C PHE C 102 -16.06 -3.38 -27.94
N SER C 103 -14.98 -2.97 -27.28
CA SER C 103 -13.60 -3.22 -27.74
C SER C 103 -13.21 -4.71 -27.54
N LEU C 104 -11.91 -5.01 -27.42
CA LEU C 104 -11.40 -6.40 -27.27
C LEU C 104 -10.63 -6.58 -25.93
N TYR C 105 -11.28 -6.27 -24.80
CA TYR C 105 -10.68 -6.47 -23.47
C TYR C 105 -10.68 -7.96 -23.06
N ARG C 106 -11.87 -8.57 -22.99
CA ARG C 106 -12.10 -10.00 -22.59
C ARG C 106 -11.15 -11.07 -23.19
N PHE C 107 -10.91 -11.03 -24.51
CA PHE C 107 -9.96 -11.95 -25.19
C PHE C 107 -9.05 -11.10 -26.12
N GLY C 108 -8.53 -11.70 -27.20
CA GLY C 108 -7.44 -11.08 -27.97
C GLY C 108 -6.12 -11.32 -27.25
N SER C 109 -5.25 -10.32 -27.24
CA SER C 109 -3.99 -10.35 -26.48
C SER C 109 -3.70 -9.00 -25.81
N ILE C 110 -2.99 -9.04 -24.68
CA ILE C 110 -2.56 -7.83 -23.96
C ILE C 110 -1.29 -7.24 -24.61
N THR C 111 -1.49 -6.71 -25.82
CA THR C 111 -0.41 -6.16 -26.64
C THR C 111 -0.26 -4.68 -26.35
N GLU C 112 0.93 -4.14 -26.64
CA GLU C 112 1.21 -2.70 -26.41
C GLU C 112 0.17 -1.79 -27.11
N SER C 113 -0.53 -2.31 -28.12
CA SER C 113 -1.59 -1.57 -28.79
C SER C 113 -2.79 -1.23 -27.89
N LYS C 114 -3.72 -2.18 -27.76
CA LYS C 114 -5.03 -1.95 -27.11
C LYS C 114 -4.93 -1.50 -25.64
N VAL C 115 -3.85 -1.88 -24.95
CA VAL C 115 -3.54 -1.41 -23.60
C VAL C 115 -3.35 0.11 -23.61
N ILE C 116 -2.44 0.57 -24.46
CA ILE C 116 -2.14 2.01 -24.63
C ILE C 116 -3.33 2.76 -25.23
N SER C 117 -3.81 2.31 -26.40
CA SER C 117 -4.93 2.95 -27.08
C SER C 117 -6.26 2.85 -26.31
N ARG C 118 -6.27 2.12 -25.19
CA ARG C 118 -7.35 2.19 -24.18
C ARG C 118 -7.27 3.43 -23.26
N CYS C 119 -6.05 3.84 -22.91
CA CYS C 119 -5.87 5.01 -22.05
C CYS C 119 -5.99 6.31 -22.84
N LEU C 120 -5.33 6.36 -24.00
CA LEU C 120 -5.55 7.35 -25.06
C LEU C 120 -7.02 7.79 -25.21
N PHE C 121 -7.94 6.88 -24.91
CA PHE C 121 -9.35 7.20 -24.86
C PHE C 121 -9.71 7.87 -23.50
N LEU C 122 -9.63 7.09 -22.44
CA LEU C 122 -10.16 7.48 -21.13
C LEU C 122 -9.59 8.78 -20.53
N GLU C 123 -8.35 9.15 -20.86
CA GLU C 123 -7.79 10.42 -20.38
C GLU C 123 -8.56 11.63 -21.00
N THR C 124 -9.13 11.44 -22.21
CA THR C 124 -9.93 12.49 -22.89
C THR C 124 -11.33 12.66 -22.30
N VAL C 125 -11.73 11.74 -21.43
CA VAL C 125 -12.88 11.97 -20.52
C VAL C 125 -12.42 12.41 -19.12
N ALA C 126 -11.37 11.79 -18.59
CA ALA C 126 -10.95 12.05 -17.21
C ALA C 126 -10.43 13.47 -17.04
N GLY C 127 -9.96 14.08 -18.14
CA GLY C 127 -9.56 15.50 -18.13
C GLY C 127 -10.64 16.54 -17.85
N VAL C 128 -11.90 16.11 -17.95
CA VAL C 128 -13.08 16.99 -17.86
C VAL C 128 -13.66 17.30 -16.43
N PRO C 129 -13.78 16.32 -15.51
CA PRO C 129 -14.39 16.59 -14.18
C PRO C 129 -13.90 17.80 -13.38
N GLY C 130 -12.61 18.10 -13.48
CA GLY C 130 -11.97 19.16 -12.71
C GLY C 130 -11.89 20.45 -13.47
N MET C 131 -12.16 20.40 -14.76
CA MET C 131 -12.37 21.62 -15.53
C MET C 131 -13.76 22.15 -15.25
N VAL C 132 -14.76 21.26 -15.18
CA VAL C 132 -16.13 21.64 -14.79
C VAL C 132 -16.38 21.58 -13.28
N GLY C 133 -15.34 21.33 -12.50
CA GLY C 133 -15.42 21.41 -11.04
C GLY C 133 -14.77 22.64 -10.48
N GLY C 134 -13.74 23.11 -11.18
CA GLY C 134 -13.04 24.32 -10.81
C GLY C 134 -13.85 25.53 -11.22
N MET C 135 -14.22 25.57 -12.50
CA MET C 135 -15.09 26.62 -13.05
C MET C 135 -16.29 26.91 -12.15
N LEU C 136 -17.05 25.85 -11.84
CA LEU C 136 -18.34 25.97 -11.16
C LEU C 136 -18.18 26.41 -9.69
N ARG C 137 -17.02 26.13 -9.09
CA ARG C 137 -16.64 26.65 -7.76
C ARG C 137 -16.01 28.07 -7.79
N HIS C 138 -15.43 28.37 -8.95
CA HIS C 138 -14.84 29.67 -9.31
C HIS C 138 -15.95 30.67 -9.66
N LEU C 139 -16.78 30.36 -10.65
CA LEU C 139 -17.97 31.15 -10.96
C LEU C 139 -18.91 31.34 -9.76
N SER C 140 -18.90 30.43 -8.79
CA SER C 140 -19.61 30.70 -7.52
C SER C 140 -18.85 31.75 -6.70
N SER C 141 -17.56 31.52 -6.44
CA SER C 141 -16.69 32.54 -5.79
C SER C 141 -16.89 33.95 -6.37
N LEU C 142 -17.07 34.01 -7.70
CA LEU C 142 -17.32 35.27 -8.41
C LEU C 142 -18.64 35.87 -8.00
N ARG C 143 -19.74 35.17 -8.28
CA ARG C 143 -21.09 35.72 -8.06
C ARG C 143 -21.48 35.91 -6.58
N TYR C 144 -21.32 34.88 -5.75
CA TYR C 144 -21.58 35.06 -4.29
C TYR C 144 -20.37 35.72 -3.59
N MET C 145 -19.40 36.20 -4.38
CA MET C 145 -18.33 37.07 -3.89
C MET C 145 -17.71 36.55 -2.59
N THR C 146 -17.26 35.31 -2.70
CA THR C 146 -16.94 34.47 -1.56
C THR C 146 -15.54 33.98 -1.72
N ARG C 147 -14.96 33.58 -0.58
CA ARG C 147 -13.80 32.71 -0.57
C ARG C 147 -14.10 31.36 -1.31
N ASP C 148 -13.02 30.63 -1.61
CA ASP C 148 -13.07 29.27 -2.18
C ASP C 148 -12.32 28.28 -1.31
N LYS C 149 -11.17 28.73 -0.81
CA LYS C 149 -10.41 28.09 0.26
C LYS C 149 -9.47 26.97 -0.20
N GLY C 150 -9.21 26.87 -1.50
CA GLY C 150 -8.15 25.97 -2.02
C GLY C 150 -8.58 24.78 -2.87
N TRP C 151 -9.85 24.79 -3.29
CA TRP C 151 -10.41 23.71 -4.07
C TRP C 151 -10.15 23.96 -5.55
N ILE C 152 -10.51 25.15 -6.03
CA ILE C 152 -10.51 25.42 -7.46
C ILE C 152 -9.19 24.95 -8.08
N ASN C 153 -8.09 25.45 -7.53
CA ASN C 153 -6.76 25.18 -8.07
C ASN C 153 -6.28 23.73 -7.85
N THR C 154 -6.81 23.02 -6.83
CA THR C 154 -6.66 21.54 -6.79
C THR C 154 -7.29 20.96 -8.05
N LEU C 155 -8.59 21.19 -8.22
CA LEU C 155 -9.36 20.62 -9.33
C LEU C 155 -8.85 21.02 -10.71
N LEU C 156 -8.25 22.21 -10.83
CA LEU C 156 -7.71 22.69 -12.11
C LEU C 156 -6.50 21.87 -12.53
N VAL C 157 -5.52 21.74 -11.61
CA VAL C 157 -4.30 20.97 -11.87
C VAL C 157 -4.56 19.47 -11.85
N GLU C 158 -5.51 19.02 -11.01
CA GLU C 158 -6.01 17.64 -11.08
C GLU C 158 -6.37 17.31 -12.54
N ALA C 159 -6.95 18.26 -13.28
CA ALA C 159 -7.31 18.05 -14.69
C ALA C 159 -6.13 18.20 -15.65
N GLU C 160 -5.32 19.24 -15.42
CA GLU C 160 -4.13 19.49 -16.21
C GLU C 160 -3.39 18.19 -16.30
N ASN C 161 -3.18 17.64 -15.10
CA ASN C 161 -2.49 16.40 -14.85
C ASN C 161 -2.92 15.30 -15.80
N GLU C 162 -4.23 15.06 -15.85
CA GLU C 162 -4.79 14.00 -16.68
C GLU C 162 -4.53 14.21 -18.19
N ARG C 163 -4.63 15.46 -18.65
CA ARG C 163 -4.27 15.80 -20.04
C ARG C 163 -2.81 15.50 -20.25
N MET C 164 -2.00 15.76 -19.20
CA MET C 164 -0.58 15.37 -19.20
C MET C 164 -0.26 13.88 -19.20
N HIS C 165 -1.22 13.02 -18.84
CA HIS C 165 -1.10 11.60 -19.18
C HIS C 165 -1.30 11.48 -20.71
N LEU C 166 -2.49 11.92 -21.18
CA LEU C 166 -2.86 11.88 -22.63
C LEU C 166 -1.83 12.51 -23.58
N MET C 167 -1.17 13.58 -23.17
CA MET C 167 -0.10 14.16 -23.99
C MET C 167 1.09 13.22 -24.13
N THR C 168 1.34 12.46 -23.06
CA THR C 168 2.35 11.38 -23.02
C THR C 168 1.96 10.10 -23.80
N PHE C 169 0.70 9.64 -23.70
CA PHE C 169 0.28 8.45 -24.48
C PHE C 169 0.16 8.69 -25.99
N ILE C 170 -0.32 9.85 -26.41
CA ILE C 170 -0.46 10.15 -27.85
C ILE C 170 0.93 10.15 -28.56
N GLU C 171 2.01 10.26 -27.80
CA GLU C 171 3.37 10.09 -28.32
C GLU C 171 3.68 8.58 -28.55
N LEU C 172 3.10 7.72 -27.71
CA LEU C 172 3.24 6.27 -27.88
C LEU C 172 2.50 5.72 -29.11
N ARG C 173 1.26 6.15 -29.35
CA ARG C 173 0.39 5.52 -30.37
C ARG C 173 -0.73 6.44 -30.91
N GLN C 174 -0.76 6.65 -32.25
CA GLN C 174 -1.70 7.61 -32.91
C GLN C 174 -2.99 6.95 -33.45
N PRO C 175 -4.16 7.26 -32.87
CA PRO C 175 -5.36 6.48 -33.21
C PRO C 175 -5.91 6.81 -34.59
N GLY C 176 -6.39 5.79 -35.29
CA GLY C 176 -6.95 5.97 -36.62
C GLY C 176 -8.32 6.58 -36.56
N LEU C 177 -8.87 6.87 -37.74
CA LEU C 177 -10.18 7.55 -37.85
C LEU C 177 -11.29 6.97 -36.93
N PRO C 178 -11.47 5.63 -36.89
CA PRO C 178 -12.49 5.03 -35.98
C PRO C 178 -12.50 5.55 -34.52
N LEU C 179 -11.31 5.58 -33.90
CA LEU C 179 -11.14 5.96 -32.48
C LEU C 179 -11.03 7.48 -32.32
N ARG C 180 -10.43 8.15 -33.30
CA ARG C 180 -10.49 9.63 -33.40
C ARG C 180 -11.93 10.14 -33.30
N VAL C 181 -12.81 9.45 -34.03
CA VAL C 181 -14.21 9.84 -34.20
C VAL C 181 -15.13 9.56 -33.00
N SER C 182 -14.84 8.57 -32.18
CA SER C 182 -15.72 8.34 -31.03
C SER C 182 -15.31 9.27 -29.86
N ILE C 183 -14.05 9.70 -29.85
CA ILE C 183 -13.53 10.53 -28.75
C ILE C 183 -14.19 11.89 -28.72
N ILE C 184 -14.50 12.42 -29.90
CA ILE C 184 -15.26 13.66 -30.01
C ILE C 184 -16.72 13.43 -29.56
N ILE C 185 -17.41 12.46 -30.16
CA ILE C 185 -18.86 12.27 -29.85
C ILE C 185 -19.11 11.87 -28.38
N THR C 186 -18.06 11.32 -27.75
CA THR C 186 -17.99 11.07 -26.30
C THR C 186 -18.01 12.37 -25.50
N GLN C 187 -17.08 13.26 -25.85
CA GLN C 187 -16.91 14.52 -25.13
C GLN C 187 -18.13 15.42 -25.17
N ALA C 188 -18.88 15.35 -26.28
CA ALA C 188 -20.20 15.91 -26.32
C ALA C 188 -21.03 15.40 -25.12
N ILE C 189 -21.27 14.09 -25.11
CA ILE C 189 -22.09 13.43 -24.07
C ILE C 189 -21.54 13.63 -22.63
N MET C 190 -20.22 13.61 -22.49
CA MET C 190 -19.62 13.52 -21.18
C MET C 190 -19.52 14.88 -20.50
N TYR C 191 -19.04 15.87 -21.24
CA TYR C 191 -19.10 17.26 -20.78
C TYR C 191 -20.52 17.59 -20.29
N LEU C 192 -21.48 17.35 -21.20
CA LEU C 192 -22.88 17.63 -20.94
C LEU C 192 -23.33 16.93 -19.66
N PHE C 193 -23.10 15.61 -19.61
CA PHE C 193 -23.44 14.80 -18.43
C PHE C 193 -22.86 15.44 -17.17
N LEU C 194 -21.53 15.60 -17.18
CA LEU C 194 -20.79 16.12 -16.04
C LEU C 194 -21.22 17.51 -15.62
N LEU C 195 -21.64 18.33 -16.58
CA LEU C 195 -22.13 19.69 -16.26
C LEU C 195 -23.38 19.62 -15.38
N VAL C 196 -24.47 19.17 -15.99
CA VAL C 196 -25.74 19.07 -15.29
C VAL C 196 -25.59 18.18 -14.05
N ALA C 197 -24.83 17.09 -14.17
CA ALA C 197 -24.51 16.26 -13.00
C ALA C 197 -23.97 17.13 -11.86
N TYR C 198 -22.84 17.80 -12.12
CA TYR C 198 -22.14 18.58 -11.09
C TYR C 198 -23.09 19.63 -10.55
N VAL C 199 -23.68 20.37 -11.49
CA VAL C 199 -24.70 21.36 -11.19
C VAL C 199 -25.69 20.76 -10.18
N ILE C 200 -26.31 19.64 -10.55
CA ILE C 200 -27.25 18.96 -9.65
C ILE C 200 -26.52 18.49 -8.37
N SER C 201 -25.90 17.32 -8.42
CA SER C 201 -25.22 16.76 -7.26
C SER C 201 -23.73 16.76 -7.55
N PRO C 202 -22.93 17.52 -6.77
CA PRO C 202 -21.47 17.38 -6.92
C PRO C 202 -20.92 16.13 -6.20
N ARG C 203 -21.44 15.86 -5.01
CA ARG C 203 -21.16 14.65 -4.24
C ARG C 203 -21.23 13.35 -5.05
N PHE C 204 -22.24 13.20 -5.89
CA PHE C 204 -22.30 12.12 -6.89
C PHE C 204 -21.10 12.12 -7.82
N VAL C 205 -20.74 13.27 -8.41
CA VAL C 205 -19.63 13.27 -9.40
C VAL C 205 -18.30 12.97 -8.71
N HIS C 206 -17.99 13.70 -7.65
CA HIS C 206 -16.73 13.49 -6.93
C HIS C 206 -16.52 12.01 -6.57
N ARG C 207 -17.58 11.37 -6.07
CA ARG C 207 -17.63 9.90 -5.82
C ARG C 207 -17.55 9.06 -7.11
N PHE C 208 -18.37 9.41 -8.10
CA PHE C 208 -18.32 8.76 -9.42
C PHE C 208 -16.96 8.85 -10.05
N VAL C 209 -16.18 9.85 -9.64
CA VAL C 209 -14.77 9.97 -10.00
C VAL C 209 -13.86 9.14 -9.04
N GLY C 210 -14.19 9.10 -7.76
CA GLY C 210 -13.55 8.14 -6.82
C GLY C 210 -13.53 6.70 -7.32
N TYR C 211 -14.69 6.19 -7.76
CA TYR C 211 -14.80 4.83 -8.31
C TYR C 211 -14.38 4.70 -9.76
N LEU C 212 -14.41 5.78 -10.53
CA LEU C 212 -13.78 5.79 -11.86
C LEU C 212 -12.24 5.69 -11.71
N GLU C 213 -11.70 6.26 -10.62
CA GLU C 213 -10.28 6.11 -10.34
C GLU C 213 -9.91 4.69 -9.92
N GLU C 214 -10.70 4.08 -9.03
CA GLU C 214 -10.32 2.77 -8.50
C GLU C 214 -9.99 1.82 -9.65
N GLU C 215 -10.80 1.85 -10.72
CA GLU C 215 -10.50 1.11 -11.98
C GLU C 215 -9.15 1.52 -12.63
N ALA C 216 -8.86 2.82 -12.65
CA ALA C 216 -7.63 3.31 -13.25
C ALA C 216 -6.33 2.77 -12.59
N VAL C 217 -6.30 2.73 -11.26
CA VAL C 217 -5.19 2.06 -10.54
C VAL C 217 -5.18 0.57 -10.96
N ILE C 218 -6.24 -0.17 -10.58
CA ILE C 218 -6.48 -1.57 -10.98
C ILE C 218 -6.04 -1.84 -12.41
N THR C 219 -6.25 -0.89 -13.30
CA THR C 219 -5.77 -1.03 -14.66
C THR C 219 -4.27 -0.91 -14.71
N TYR C 220 -3.78 0.28 -14.36
CA TYR C 220 -2.34 0.53 -14.47
C TYR C 220 -1.50 -0.41 -13.60
N THR C 221 -2.04 -0.87 -12.46
CA THR C 221 -1.36 -1.94 -11.71
C THR C 221 -1.35 -3.18 -12.63
N GLY C 222 -2.48 -3.55 -13.23
CA GLY C 222 -2.52 -4.65 -14.20
C GLY C 222 -1.47 -4.57 -15.30
N VAL C 223 -1.16 -3.35 -15.71
CA VAL C 223 -0.10 -3.14 -16.66
C VAL C 223 1.26 -3.50 -16.01
N MET C 224 1.64 -2.83 -14.91
CA MET C 224 2.92 -3.10 -14.23
C MET C 224 3.08 -4.55 -13.78
N ARG C 225 1.97 -5.25 -13.66
CA ARG C 225 1.94 -6.68 -13.41
C ARG C 225 2.48 -7.30 -14.71
N ALA C 226 1.74 -7.04 -15.81
CA ALA C 226 2.02 -7.60 -17.14
C ALA C 226 3.40 -7.32 -17.68
N ILE C 227 4.08 -6.34 -17.11
CA ILE C 227 5.44 -6.02 -17.50
C ILE C 227 6.47 -6.82 -16.70
N ASP C 228 6.23 -7.02 -15.40
CA ASP C 228 7.02 -7.94 -14.56
C ASP C 228 6.91 -9.40 -15.04
N GLU C 229 5.71 -9.77 -15.55
CA GLU C 229 5.44 -11.11 -16.10
C GLU C 229 6.27 -11.41 -17.33
N GLY C 230 6.73 -10.35 -18.01
CA GLY C 230 7.41 -10.47 -19.28
C GLY C 230 6.42 -10.73 -20.39
N ARG C 231 5.14 -10.37 -20.17
CA ARG C 231 4.05 -10.58 -21.15
C ARG C 231 4.05 -9.43 -22.11
N LEU C 232 3.93 -8.21 -21.56
CA LEU C 232 4.10 -6.97 -22.31
C LEU C 232 5.51 -6.47 -22.05
N ARG C 233 6.28 -6.27 -23.11
CA ARG C 233 7.73 -6.00 -22.99
C ARG C 233 8.15 -4.78 -23.81
N PRO C 234 8.30 -3.60 -23.16
CA PRO C 234 8.62 -2.39 -23.89
C PRO C 234 10.09 -2.41 -24.29
N THR C 235 10.38 -3.13 -25.37
CA THR C 235 11.72 -3.17 -25.98
C THR C 235 12.10 -1.78 -26.47
N LYS C 236 11.08 -1.00 -26.84
CA LYS C 236 11.15 0.46 -26.96
C LYS C 236 11.93 1.03 -25.76
N ASN C 237 11.38 0.85 -24.55
CA ASN C 237 11.87 1.46 -23.29
C ASN C 237 11.95 2.99 -23.35
N ASP C 238 11.01 3.59 -24.08
CA ASP C 238 10.98 5.03 -24.28
C ASP C 238 9.80 5.67 -23.55
N VAL C 239 10.22 6.55 -22.66
CA VAL C 239 9.42 7.45 -21.92
C VAL C 239 9.52 8.65 -22.82
N PRO C 240 8.41 9.06 -23.46
CA PRO C 240 8.51 10.28 -24.28
C PRO C 240 9.04 11.51 -23.52
N GLU C 241 9.65 12.44 -24.25
CA GLU C 241 10.35 13.55 -23.59
C GLU C 241 9.44 14.43 -22.69
N VAL C 242 8.16 14.66 -23.05
CA VAL C 242 7.26 15.37 -22.11
C VAL C 242 7.41 14.75 -20.74
N ALA C 243 7.14 13.45 -20.67
CA ALA C 243 6.92 12.83 -19.39
C ALA C 243 8.21 12.74 -18.62
N ARG C 244 9.32 12.69 -19.35
CA ARG C 244 10.61 12.79 -18.70
C ARG C 244 10.60 14.06 -17.85
N VAL C 245 10.12 15.17 -18.43
CA VAL C 245 10.15 16.48 -17.73
C VAL C 245 8.96 16.74 -16.76
N TYR C 246 7.71 16.40 -17.14
CA TYR C 246 6.57 16.61 -16.21
C TYR C 246 6.80 15.85 -14.88
N TRP C 247 7.29 14.62 -15.02
CA TRP C 247 7.50 13.76 -13.88
C TRP C 247 8.91 13.79 -13.35
N ASN C 248 9.82 14.44 -14.09
CA ASN C 248 11.16 14.78 -13.59
C ASN C 248 11.94 13.54 -13.21
N LEU C 249 11.84 12.56 -14.10
CA LEU C 249 12.44 11.27 -13.93
C LEU C 249 13.92 11.43 -14.23
N SER C 250 14.68 10.37 -13.99
CA SER C 250 16.03 10.28 -14.55
C SER C 250 15.92 9.94 -16.04
N LYS C 251 17.03 10.18 -16.74
CA LYS C 251 17.22 9.71 -18.11
C LYS C 251 17.12 8.17 -18.24
N ASN C 252 17.41 7.44 -17.16
CA ASN C 252 17.36 5.96 -17.13
C ASN C 252 15.96 5.36 -17.10
N ALA C 253 15.06 6.03 -16.38
CA ALA C 253 13.74 5.48 -16.02
C ALA C 253 13.09 4.64 -17.10
N THR C 254 12.69 3.44 -16.72
CA THR C 254 12.05 2.48 -17.62
C THR C 254 10.61 2.87 -17.91
N PHE C 255 10.05 2.35 -18.99
CA PHE C 255 8.61 2.53 -19.30
C PHE C 255 7.69 2.16 -18.16
N ARG C 256 8.15 1.28 -17.28
CA ARG C 256 7.41 0.88 -16.11
C ARG C 256 7.44 1.98 -15.03
N ASP C 257 8.54 2.73 -14.97
CA ASP C 257 8.65 3.92 -14.09
C ASP C 257 7.71 5.07 -14.48
N LEU C 258 7.46 5.22 -15.77
CA LEU C 258 6.43 6.10 -16.29
C LEU C 258 5.06 5.65 -15.84
N ILE C 259 4.80 4.35 -15.89
CA ILE C 259 3.50 3.84 -15.47
C ILE C 259 3.34 4.09 -13.97
N ASN C 260 4.35 3.62 -13.23
CA ASN C 260 4.44 3.78 -11.77
C ASN C 260 3.84 5.12 -11.29
N VAL C 261 4.25 6.22 -11.92
CA VAL C 261 3.75 7.56 -11.56
C VAL C 261 2.32 7.76 -12.09
N ILE C 262 2.12 7.62 -13.40
CA ILE C 262 0.79 7.80 -14.02
C ILE C 262 -0.27 7.10 -13.17
N ARG C 263 0.12 5.94 -12.66
CA ARG C 263 -0.67 5.19 -11.73
C ARG C 263 -0.89 5.93 -10.38
N ALA C 264 0.19 6.47 -9.83
CA ALA C 264 0.18 7.15 -8.53
C ALA C 264 -0.58 8.45 -8.57
N ASP C 265 -0.61 9.08 -9.75
CA ASP C 265 -1.47 10.23 -10.03
C ASP C 265 -2.94 9.88 -9.85
N GLU C 266 -3.48 8.95 -10.64
CA GLU C 266 -4.86 8.51 -10.45
C GLU C 266 -5.19 8.18 -8.99
N ALA C 267 -4.19 7.70 -8.26
CA ALA C 267 -4.33 7.46 -6.82
C ALA C 267 -4.43 8.72 -5.92
N GLU C 268 -3.87 9.85 -6.35
CA GLU C 268 -4.07 11.13 -5.65
C GLU C 268 -5.48 11.66 -5.89
N HIS C 269 -6.03 11.39 -7.08
CA HIS C 269 -7.40 11.79 -7.43
C HIS C 269 -8.36 10.83 -6.79
N ARG C 270 -7.98 9.58 -6.74
CA ARG C 270 -8.80 8.62 -6.06
C ARG C 270 -9.25 9.20 -4.67
N VAL C 271 -8.29 9.69 -3.89
CA VAL C 271 -8.52 10.13 -2.47
C VAL C 271 -8.94 11.58 -2.26
N VAL C 272 -8.72 12.41 -3.28
CA VAL C 272 -9.14 13.81 -3.26
C VAL C 272 -10.65 13.88 -3.49
N ASN C 273 -11.12 13.21 -4.54
CA ASN C 273 -12.54 13.16 -4.85
C ASN C 273 -13.34 12.24 -3.93
N HIS C 274 -12.66 11.39 -3.17
CA HIS C 274 -13.35 10.66 -2.11
C HIS C 274 -13.49 11.55 -0.92
N THR C 275 -12.46 12.36 -0.69
CA THR C 275 -12.49 13.30 0.43
C THR C 275 -13.41 14.48 0.10
N PHE C 276 -13.55 14.87 -1.19
CA PHE C 276 -14.54 15.89 -1.54
C PHE C 276 -15.94 15.32 -1.40
N ALA C 277 -16.25 14.27 -2.15
CA ALA C 277 -17.55 13.60 -2.01
C ALA C 277 -17.97 13.36 -0.53
N ASP C 278 -17.05 12.96 0.34
CA ASP C 278 -17.37 12.82 1.77
C ASP C 278 -17.82 14.17 2.36
N MET C 279 -17.11 15.25 2.04
CA MET C 279 -17.35 16.55 2.69
C MET C 279 -18.72 17.12 2.32
N HIS C 280 -19.13 16.94 1.07
CA HIS C 280 -20.48 17.32 0.65
C HIS C 280 -21.56 16.56 1.48
N GLU C 281 -21.30 15.30 1.79
CA GLU C 281 -22.20 14.49 2.62
C GLU C 281 -22.32 15.13 4.00
N LYS C 282 -21.18 15.54 4.57
CA LYS C 282 -21.13 16.25 5.86
C LYS C 282 -21.41 17.77 5.74
N ARG C 283 -22.08 18.17 4.66
CA ARG C 283 -22.27 19.57 4.30
C ARG C 283 -21.06 20.43 4.75
N LEU C 284 -19.91 20.16 4.14
CA LEU C 284 -18.66 20.83 4.46
C LEU C 284 -18.07 21.47 3.17
N GLN C 285 -18.96 21.87 2.25
CA GLN C 285 -18.58 22.28 0.86
C GLN C 285 -17.80 23.60 0.80
N ASN C 286 -17.90 24.40 1.88
CA ASN C 286 -17.11 25.63 2.06
C ASN C 286 -16.07 25.56 3.18
N SER C 287 -15.78 24.35 3.64
CA SER C 287 -14.62 24.15 4.50
C SER C 287 -13.36 24.22 3.61
N VAL C 288 -12.26 24.47 4.32
CA VAL C 288 -10.98 24.66 3.68
C VAL C 288 -10.52 23.30 3.13
N ASN C 289 -10.12 23.26 1.83
CA ASN C 289 -9.54 22.05 1.18
C ASN C 289 -8.46 21.56 2.09
N PRO C 290 -8.56 20.29 2.52
CA PRO C 290 -7.56 19.77 3.44
C PRO C 290 -6.20 19.55 2.77
N PHE C 291 -6.20 19.22 1.48
CA PHE C 291 -4.97 18.85 0.74
C PHE C 291 -4.01 20.01 0.43
N VAL C 292 -4.45 21.26 0.59
CA VAL C 292 -3.55 22.40 0.44
C VAL C 292 -2.64 22.57 1.64
N VAL C 293 -2.94 21.90 2.76
CA VAL C 293 -2.04 21.89 3.91
C VAL C 293 -1.19 20.61 3.95
N LEU C 294 -1.67 19.54 3.28
CA LEU C 294 -0.99 18.23 3.23
C LEU C 294 0.05 18.13 2.06
N LYS C 295 0.33 19.25 1.38
CA LYS C 295 1.59 19.45 0.64
C LYS C 295 2.78 19.70 1.60
N VAL D 32 6.09 14.88 3.28
CA VAL D 32 5.17 13.83 3.81
C VAL D 32 3.92 13.62 2.90
N TRP D 33 4.09 13.83 1.58
CA TRP D 33 3.04 13.44 0.63
C TRP D 33 3.50 12.22 -0.19
N GLY D 34 2.95 11.06 0.17
CA GLY D 34 3.36 9.78 -0.42
C GLY D 34 2.28 8.70 -0.31
N HIS D 35 2.72 7.45 -0.31
CA HIS D 35 1.80 6.33 -0.47
C HIS D 35 0.93 6.10 0.76
N THR D 36 1.38 6.50 1.96
CA THR D 36 0.60 6.21 3.18
C THR D 36 -0.68 6.99 3.11
N GLN D 37 -0.53 8.21 2.61
CA GLN D 37 -1.61 9.15 2.40
C GLN D 37 -2.39 8.80 1.14
N LEU D 38 -1.71 8.44 0.03
CA LEU D 38 -2.40 8.02 -1.20
C LEU D 38 -3.27 6.77 -1.00
N ASN D 39 -2.77 5.79 -0.26
CA ASN D 39 -3.53 4.60 0.00
C ASN D 39 -4.67 4.85 0.95
N ARG D 40 -4.62 5.94 1.74
CA ARG D 40 -5.74 6.32 2.65
C ARG D 40 -7.04 6.58 1.90
N LEU D 41 -8.14 6.04 2.43
CA LEU D 41 -9.43 6.06 1.74
C LEU D 41 -9.88 7.51 1.59
N SER D 42 -10.10 8.19 2.72
CA SER D 42 -10.63 9.53 2.74
C SER D 42 -10.09 10.34 3.89
N PHE D 43 -9.82 11.62 3.64
CA PHE D 43 -9.35 12.54 4.68
C PHE D 43 -10.49 13.36 5.33
N LEU D 44 -11.75 12.94 5.13
CA LEU D 44 -12.93 13.57 5.78
C LEU D 44 -12.70 14.02 7.24
N GLU D 45 -12.02 13.15 7.98
CA GLU D 45 -11.90 13.26 9.41
C GLU D 45 -10.74 14.15 9.75
N THR D 46 -10.20 14.88 8.78
CA THR D 46 -9.09 15.81 9.05
C THR D 46 -9.46 17.30 8.89
N VAL D 47 -10.65 17.64 8.32
CA VAL D 47 -10.99 19.08 8.13
C VAL D 47 -11.15 19.81 9.46
N PRO D 48 -11.79 19.17 10.48
CA PRO D 48 -11.76 19.82 11.80
C PRO D 48 -10.38 20.33 12.30
N VAL D 49 -9.26 19.66 11.96
CA VAL D 49 -7.93 20.10 12.45
C VAL D 49 -7.18 21.09 11.54
N VAL D 50 -7.26 20.89 10.23
CA VAL D 50 -6.53 21.73 9.28
C VAL D 50 -6.94 23.21 9.50
N PRO D 51 -5.96 24.13 9.63
CA PRO D 51 -6.31 25.56 9.80
C PRO D 51 -6.72 26.32 8.52
N LEU D 52 -7.36 27.46 8.73
CA LEU D 52 -7.66 28.43 7.66
C LEU D 52 -6.44 29.38 7.49
N ARG D 53 -5.70 29.24 6.38
CA ARG D 53 -4.65 30.20 6.02
C ARG D 53 -5.01 30.93 4.71
N VAL D 54 -4.89 32.25 4.74
CA VAL D 54 -5.25 33.08 3.60
C VAL D 54 -4.25 32.91 2.43
N SER D 55 -3.06 32.42 2.79
CA SER D 55 -2.06 31.93 1.83
C SER D 55 -2.62 30.83 0.92
N ASP D 56 -3.52 29.99 1.46
CA ASP D 56 -4.17 28.91 0.69
C ASP D 56 -5.22 29.38 -0.34
N GLU D 57 -5.47 30.69 -0.45
CA GLU D 57 -6.66 31.18 -1.13
C GLU D 57 -6.52 31.20 -2.66
N SER D 58 -5.28 31.32 -3.13
CA SER D 58 -4.94 31.31 -4.57
C SER D 58 -4.19 30.04 -4.94
N SER D 59 -3.72 29.97 -6.18
CA SER D 59 -2.66 29.03 -6.60
C SER D 59 -1.32 29.56 -6.16
N GLU D 60 -0.29 28.73 -6.27
CA GLU D 60 1.09 29.10 -5.87
C GLU D 60 1.75 30.14 -6.81
N ASP D 61 1.21 30.26 -8.04
CA ASP D 61 1.78 31.12 -9.08
C ASP D 61 1.37 32.55 -8.77
N ARG D 62 2.22 33.32 -8.09
CA ARG D 62 1.85 34.65 -7.58
C ARG D 62 2.61 35.82 -8.23
N PRO D 63 1.94 36.98 -8.39
CA PRO D 63 2.55 38.13 -9.09
C PRO D 63 3.56 38.91 -8.24
N THR D 64 4.84 38.75 -8.59
CA THR D 64 5.93 39.49 -7.97
C THR D 64 6.23 40.70 -8.83
N TRP D 65 6.04 41.89 -8.24
CA TRP D 65 6.27 43.17 -8.86
C TRP D 65 7.19 43.90 -7.94
N SER D 66 8.06 44.76 -8.45
CA SER D 66 8.68 45.79 -7.58
C SER D 66 7.98 47.11 -7.81
N LEU D 67 7.54 47.74 -6.73
CA LEU D 67 6.70 48.93 -6.81
C LEU D 67 7.35 50.06 -7.62
N PRO D 68 8.64 50.39 -7.34
CA PRO D 68 9.31 51.37 -8.18
C PRO D 68 9.16 51.08 -9.66
N ASP D 69 9.50 49.87 -10.08
CA ASP D 69 9.35 49.58 -11.48
C ASP D 69 7.91 49.77 -12.00
N ILE D 70 6.89 49.44 -11.19
CA ILE D 70 5.48 49.44 -11.70
C ILE D 70 4.75 50.80 -11.62
N GLU D 71 5.29 51.74 -10.86
CA GLU D 71 4.85 53.11 -11.01
C GLU D 71 4.94 53.60 -12.48
N ASN D 72 5.93 53.09 -13.22
CA ASN D 72 6.06 53.33 -14.67
C ASN D 72 5.10 52.65 -15.62
N VAL D 73 4.11 51.90 -15.09
CA VAL D 73 3.16 51.14 -15.91
C VAL D 73 2.26 52.14 -16.60
N ALA D 74 2.33 52.13 -17.92
CA ALA D 74 1.90 53.26 -18.73
C ALA D 74 0.66 52.95 -19.52
N ILE D 75 -0.04 54.01 -19.91
CA ILE D 75 -1.36 53.93 -20.54
C ILE D 75 -1.23 53.94 -22.07
N THR D 76 -1.41 52.76 -22.68
CA THR D 76 -1.25 52.51 -24.12
C THR D 76 -2.60 52.14 -24.73
N HIS D 77 -2.83 52.57 -25.99
CA HIS D 77 -3.99 52.13 -26.76
C HIS D 77 -3.55 51.67 -28.14
N LYS D 78 -4.20 50.61 -28.63
CA LYS D 78 -3.79 49.92 -29.83
C LYS D 78 -4.84 50.10 -30.93
N LYS D 79 -4.45 50.92 -31.90
CA LYS D 79 -5.13 51.05 -33.19
C LYS D 79 -5.66 49.71 -33.65
N PRO D 80 -6.99 49.59 -33.84
CA PRO D 80 -7.59 48.41 -34.50
C PRO D 80 -7.07 48.15 -35.94
N ASN D 81 -7.62 47.13 -36.61
CA ASN D 81 -7.51 46.99 -38.08
C ASN D 81 -8.73 46.31 -38.70
N GLY D 82 -9.02 45.08 -38.29
CA GLY D 82 -10.18 44.37 -38.83
C GLY D 82 -11.52 45.06 -38.58
N LEU D 83 -12.53 44.56 -39.29
CA LEU D 83 -13.91 44.89 -38.93
C LEU D 83 -14.16 44.33 -37.54
N VAL D 84 -13.56 43.17 -37.28
CA VAL D 84 -13.65 42.46 -35.99
C VAL D 84 -13.09 43.27 -34.80
N ASP D 85 -11.97 43.96 -35.01
CA ASP D 85 -11.32 44.79 -33.96
C ASP D 85 -12.15 46.04 -33.66
N THR D 86 -12.69 46.64 -34.73
CA THR D 86 -13.54 47.79 -34.64
C THR D 86 -14.89 47.46 -33.96
N LEU D 87 -15.37 46.23 -34.10
CA LEU D 87 -16.54 45.75 -33.35
C LEU D 87 -16.19 45.61 -31.87
N ALA D 88 -15.01 45.06 -31.61
CA ALA D 88 -14.53 44.85 -30.24
C ALA D 88 -14.37 46.16 -29.49
N TYR D 89 -13.65 47.11 -30.09
CA TYR D 89 -13.43 48.42 -29.48
C TYR D 89 -14.77 49.15 -29.19
N ARG D 90 -15.63 49.28 -30.21
CA ARG D 90 -16.99 49.86 -30.06
C ARG D 90 -17.81 49.19 -28.93
N SER D 91 -17.83 47.85 -28.93
CA SER D 91 -18.56 47.10 -27.89
C SER D 91 -17.99 47.24 -26.47
N VAL D 92 -16.75 47.73 -26.34
CA VAL D 92 -16.22 48.07 -25.01
C VAL D 92 -16.73 49.43 -24.52
N ARG D 93 -16.79 50.44 -25.40
CA ARG D 93 -17.31 51.78 -25.02
C ARG D 93 -18.76 51.70 -24.54
N THR D 94 -19.57 50.92 -25.25
CA THR D 94 -20.92 50.49 -24.79
C THR D 94 -20.98 49.92 -23.36
N CYS D 95 -20.02 49.08 -23.03
CA CYS D 95 -19.98 48.44 -21.71
C CYS D 95 -19.31 49.30 -20.62
N ARG D 96 -18.61 50.38 -21.01
CA ARG D 96 -18.19 51.42 -20.07
C ARG D 96 -19.32 52.44 -19.96
N TRP D 97 -19.84 52.89 -21.10
CA TRP D 97 -20.95 53.87 -21.12
C TRP D 97 -22.21 53.39 -20.38
N LEU D 98 -22.80 52.26 -20.81
CA LEU D 98 -24.01 51.69 -20.16
C LEU D 98 -23.85 51.55 -18.66
N PHE D 99 -22.70 51.01 -18.29
CA PHE D 99 -22.26 50.91 -16.91
C PHE D 99 -22.22 52.30 -16.23
N ASP D 100 -21.57 53.27 -16.89
CA ASP D 100 -21.41 54.65 -16.36
C ASP D 100 -22.69 55.50 -16.18
N THR D 101 -23.78 55.15 -16.87
CA THR D 101 -25.09 55.81 -16.66
C THR D 101 -25.93 55.06 -15.61
N PHE D 102 -25.99 53.73 -15.73
CA PHE D 102 -26.71 52.91 -14.74
C PHE D 102 -26.06 52.84 -13.35
N SER D 103 -24.78 53.24 -13.22
CA SER D 103 -24.04 53.19 -11.93
C SER D 103 -23.83 54.53 -11.18
N LEU D 104 -24.29 55.65 -11.74
CA LEU D 104 -24.14 57.01 -11.13
C LEU D 104 -22.70 57.61 -11.12
N TYR D 105 -21.80 57.08 -11.95
CA TYR D 105 -20.35 57.41 -11.91
C TYR D 105 -19.95 58.80 -12.46
N ARG D 106 -20.85 59.46 -13.22
CA ARG D 106 -20.58 60.77 -13.89
C ARG D 106 -21.45 61.97 -13.38
N PHE D 107 -21.96 61.87 -12.14
CA PHE D 107 -22.68 62.97 -11.46
C PHE D 107 -22.61 62.73 -9.93
N GLY D 108 -21.55 63.29 -9.32
CA GLY D 108 -21.26 63.13 -7.89
C GLY D 108 -19.84 63.57 -7.55
N SER D 109 -19.26 62.96 -6.51
CA SER D 109 -17.84 63.14 -6.11
C SER D 109 -16.99 61.87 -6.36
N ILE D 110 -15.81 61.78 -5.73
CA ILE D 110 -15.00 60.53 -5.72
C ILE D 110 -14.67 60.12 -4.27
N THR D 111 -15.74 59.92 -3.49
CA THR D 111 -15.66 59.33 -2.15
C THR D 111 -15.38 57.83 -2.31
N GLU D 112 -14.87 57.17 -1.26
CA GLU D 112 -14.39 55.77 -1.41
C GLU D 112 -15.49 54.74 -1.78
N SER D 113 -16.65 54.82 -1.13
CA SER D 113 -17.75 53.83 -1.30
C SER D 113 -18.61 54.02 -2.59
N LYS D 114 -17.97 54.37 -3.70
CA LYS D 114 -18.57 54.33 -5.03
C LYS D 114 -17.54 53.82 -6.07
N VAL D 115 -16.26 54.17 -5.88
CA VAL D 115 -15.14 53.68 -6.69
C VAL D 115 -14.96 52.19 -6.46
N ILE D 116 -14.97 51.79 -5.19
CA ILE D 116 -14.85 50.37 -4.82
C ILE D 116 -16.02 49.56 -5.41
N SER D 117 -17.24 49.90 -5.00
CA SER D 117 -18.48 49.32 -5.56
C SER D 117 -18.43 49.03 -7.07
N ARG D 118 -17.96 50.01 -7.83
CA ARG D 118 -17.78 49.88 -9.28
C ARG D 118 -16.81 48.74 -9.66
N CYS D 119 -15.58 48.82 -9.14
CA CYS D 119 -14.50 47.89 -9.46
C CYS D 119 -14.91 46.48 -9.01
N LEU D 120 -15.39 46.39 -7.77
CA LEU D 120 -15.91 45.14 -7.18
C LEU D 120 -16.73 44.42 -8.19
N PHE D 121 -17.72 45.12 -8.72
CA PHE D 121 -18.53 44.61 -9.81
C PHE D 121 -17.65 44.25 -11.04
N LEU D 122 -16.89 45.24 -11.49
CA LEU D 122 -16.04 45.11 -12.69
C LEU D 122 -15.14 43.85 -12.72
N GLU D 123 -14.64 43.45 -11.55
CA GLU D 123 -13.89 42.20 -11.47
C GLU D 123 -14.81 41.00 -11.68
N THR D 124 -15.86 40.85 -10.87
CA THR D 124 -16.75 39.66 -10.96
C THR D 124 -17.04 39.16 -12.39
N VAL D 125 -17.05 40.06 -13.37
CA VAL D 125 -17.18 39.67 -14.80
C VAL D 125 -15.81 39.36 -15.43
N ALA D 126 -14.83 40.23 -15.17
CA ALA D 126 -13.45 40.01 -15.63
C ALA D 126 -12.88 38.64 -15.19
N GLY D 127 -13.37 38.08 -14.09
CA GLY D 127 -13.07 36.69 -13.74
C GLY D 127 -13.76 35.61 -14.55
N VAL D 128 -14.19 35.89 -15.77
CA VAL D 128 -14.85 34.90 -16.65
C VAL D 128 -14.10 34.49 -17.94
N PRO D 129 -13.63 35.46 -18.76
CA PRO D 129 -13.22 35.13 -20.14
C PRO D 129 -11.87 34.38 -20.27
N GLY D 130 -10.99 34.57 -19.29
CA GLY D 130 -9.83 33.72 -19.15
C GLY D 130 -10.30 32.31 -18.85
N MET D 131 -11.26 32.17 -17.95
CA MET D 131 -11.74 30.86 -17.57
C MET D 131 -12.31 30.09 -18.76
N VAL D 132 -13.15 30.73 -19.59
CA VAL D 132 -13.79 29.96 -20.70
C VAL D 132 -12.77 29.74 -21.82
N GLY D 133 -11.93 30.74 -22.07
CA GLY D 133 -10.88 30.61 -23.07
C GLY D 133 -9.93 29.46 -22.78
N GLY D 134 -9.74 29.15 -21.50
CA GLY D 134 -8.99 27.97 -21.10
C GLY D 134 -9.86 26.74 -21.17
N MET D 135 -10.93 26.77 -20.40
CA MET D 135 -11.86 25.66 -20.38
C MET D 135 -12.20 25.08 -21.78
N LEU D 136 -12.08 25.88 -22.85
CA LEU D 136 -12.28 25.39 -24.23
C LEU D 136 -10.98 25.02 -24.91
N ARG D 137 -9.92 25.78 -24.66
CA ARG D 137 -8.59 25.45 -25.21
C ARG D 137 -8.14 24.09 -24.70
N HIS D 138 -8.25 23.90 -23.39
CA HIS D 138 -8.08 22.60 -22.73
C HIS D 138 -8.83 21.50 -23.49
N LEU D 139 -10.11 21.71 -23.73
CA LEU D 139 -10.93 20.73 -24.42
C LEU D 139 -10.45 20.46 -25.86
N SER D 140 -10.17 21.51 -26.63
CA SER D 140 -9.57 21.33 -27.95
C SER D 140 -8.34 20.40 -27.86
N SER D 141 -7.53 20.60 -26.83
CA SER D 141 -6.35 19.77 -26.59
C SER D 141 -6.69 18.30 -26.43
N LEU D 142 -7.76 17.99 -25.70
CA LEU D 142 -8.21 16.61 -25.52
C LEU D 142 -8.71 16.00 -26.84
N ARG D 143 -9.81 16.53 -27.37
CA ARG D 143 -10.51 15.94 -28.55
C ARG D 143 -9.64 15.78 -29.80
N TYR D 144 -8.74 16.71 -30.02
CA TYR D 144 -7.81 16.67 -31.17
C TYR D 144 -6.47 16.07 -30.76
N MET D 145 -6.21 16.00 -29.45
CA MET D 145 -5.08 15.25 -28.90
C MET D 145 -3.78 15.92 -29.34
N THR D 146 -3.69 17.22 -29.05
CA THR D 146 -2.62 18.10 -29.56
C THR D 146 -1.96 18.97 -28.51
N ARG D 147 -0.73 19.37 -28.79
CA ARG D 147 0.02 20.23 -27.89
C ARG D 147 -0.54 21.65 -27.84
N ASP D 148 -1.11 22.01 -26.70
CA ASP D 148 -1.69 23.34 -26.49
C ASP D 148 -0.66 24.47 -26.49
N LYS D 149 0.46 24.16 -25.85
CA LYS D 149 1.74 24.92 -25.93
C LYS D 149 1.84 26.11 -24.99
N GLY D 150 1.08 26.10 -23.89
CA GLY D 150 1.17 27.14 -22.86
C GLY D 150 -0.10 27.94 -22.63
N TRP D 151 -0.82 28.21 -23.72
CA TRP D 151 -2.03 29.04 -23.67
C TRP D 151 -2.96 28.74 -22.48
N ILE D 152 -3.34 27.47 -22.28
CA ILE D 152 -4.37 27.13 -21.29
C ILE D 152 -4.10 27.71 -19.91
N ASN D 153 -2.89 27.47 -19.43
CA ASN D 153 -2.55 27.87 -18.07
C ASN D 153 -2.50 29.38 -17.90
N THR D 154 -2.00 30.09 -18.92
CA THR D 154 -1.99 31.57 -18.93
C THR D 154 -3.40 32.13 -18.82
N LEU D 155 -4.31 31.59 -19.64
CA LEU D 155 -5.72 31.98 -19.58
C LEU D 155 -6.37 31.64 -18.24
N LEU D 156 -6.04 30.48 -17.67
CA LEU D 156 -6.60 30.11 -16.37
C LEU D 156 -6.04 30.89 -15.17
N VAL D 157 -4.78 31.36 -15.24
CA VAL D 157 -4.27 32.25 -14.16
C VAL D 157 -4.79 33.69 -14.31
N GLU D 158 -4.85 34.20 -15.55
CA GLU D 158 -5.53 35.48 -15.86
C GLU D 158 -6.83 35.50 -15.05
N ALA D 159 -7.64 34.47 -15.26
CA ALA D 159 -8.88 34.29 -14.54
C ALA D 159 -8.73 34.20 -13.02
N GLU D 160 -7.70 33.50 -12.53
CA GLU D 160 -7.45 33.46 -11.09
C GLU D 160 -7.16 34.84 -10.53
N ASN D 161 -6.37 35.65 -11.25
CA ASN D 161 -5.96 36.95 -10.70
C ASN D 161 -7.14 37.86 -10.45
N GLU D 162 -8.05 37.87 -11.42
CA GLU D 162 -9.27 38.69 -11.33
C GLU D 162 -10.17 38.21 -10.17
N ARG D 163 -10.19 36.92 -9.88
CA ARG D 163 -10.83 36.43 -8.67
C ARG D 163 -10.15 37.09 -7.47
N MET D 164 -8.86 36.90 -7.30
CA MET D 164 -8.14 37.42 -6.14
C MET D 164 -8.17 38.94 -5.99
N HIS D 165 -8.49 39.67 -7.07
CA HIS D 165 -8.80 41.12 -6.95
C HIS D 165 -10.10 41.30 -6.17
N LEU D 166 -11.20 40.88 -6.80
CA LEU D 166 -12.53 40.75 -6.18
C LEU D 166 -12.47 40.23 -4.74
N MET D 167 -11.54 39.32 -4.49
CA MET D 167 -11.33 38.83 -3.14
C MET D 167 -10.80 39.89 -2.18
N THR D 168 -10.04 40.83 -2.70
CA THR D 168 -9.54 41.95 -1.91
C THR D 168 -10.67 42.98 -1.71
N PHE D 169 -11.37 43.32 -2.80
CA PHE D 169 -12.46 44.36 -2.82
C PHE D 169 -13.66 44.09 -1.88
N ILE D 170 -14.02 42.81 -1.77
CA ILE D 170 -15.15 42.37 -0.97
C ILE D 170 -14.81 42.44 0.55
N GLU D 171 -13.54 42.63 0.92
CA GLU D 171 -13.15 42.75 2.33
C GLU D 171 -13.13 44.23 2.72
N LEU D 172 -12.98 45.15 1.78
CA LEU D 172 -13.03 46.60 2.11
C LEU D 172 -14.48 47.12 2.30
N ARG D 173 -15.28 47.09 1.23
CA ARG D 173 -16.73 47.46 1.25
C ARG D 173 -17.63 46.23 1.27
N GLN D 174 -18.80 46.34 1.90
CA GLN D 174 -19.78 45.25 2.05
C GLN D 174 -21.13 45.52 1.34
N PRO D 175 -21.23 45.27 0.02
CA PRO D 175 -22.33 45.79 -0.83
C PRO D 175 -23.73 45.26 -0.50
N GLY D 176 -24.73 45.72 -1.26
CA GLY D 176 -26.14 45.48 -0.94
C GLY D 176 -26.90 44.80 -2.05
N LEU D 177 -28.03 44.20 -1.65
CA LEU D 177 -28.86 43.28 -2.48
C LEU D 177 -29.08 43.62 -3.98
N PRO D 178 -29.35 44.91 -4.33
CA PRO D 178 -29.44 45.21 -5.78
C PRO D 178 -28.15 44.93 -6.56
N LEU D 179 -27.01 45.14 -5.89
CA LEU D 179 -25.70 44.92 -6.47
C LEU D 179 -25.52 43.42 -6.54
N ARG D 180 -25.67 42.76 -5.39
CA ARG D 180 -25.52 41.31 -5.32
C ARG D 180 -26.45 40.57 -6.30
N VAL D 181 -27.52 41.22 -6.76
CA VAL D 181 -28.37 40.66 -7.83
C VAL D 181 -27.91 41.00 -9.24
N SER D 182 -27.50 42.24 -9.47
CA SER D 182 -26.99 42.61 -10.80
C SER D 182 -25.75 41.76 -11.11
N ILE D 183 -24.96 41.52 -10.06
CA ILE D 183 -23.77 40.65 -10.12
C ILE D 183 -24.08 39.29 -10.76
N ILE D 184 -25.14 38.64 -10.23
CA ILE D 184 -25.61 37.32 -10.66
C ILE D 184 -26.07 37.29 -12.11
N ILE D 185 -26.99 38.18 -12.49
CA ILE D 185 -27.57 38.14 -13.84
C ILE D 185 -26.47 38.50 -14.89
N THR D 186 -25.63 39.49 -14.53
CA THR D 186 -24.57 40.03 -15.40
C THR D 186 -23.57 38.95 -15.69
N GLN D 187 -23.08 38.29 -14.64
CA GLN D 187 -22.29 37.05 -14.78
C GLN D 187 -22.96 36.03 -15.72
N ALA D 188 -24.22 35.71 -15.43
CA ALA D 188 -24.97 34.71 -16.19
C ALA D 188 -25.10 35.04 -17.69
N ILE D 189 -25.56 36.24 -17.99
CA ILE D 189 -25.69 36.71 -19.38
C ILE D 189 -24.31 36.82 -20.05
N MET D 190 -23.29 37.18 -19.27
CA MET D 190 -21.92 37.32 -19.76
C MET D 190 -21.24 35.98 -19.99
N TYR D 191 -21.52 35.00 -19.13
CA TYR D 191 -20.95 33.67 -19.30
C TYR D 191 -21.33 33.13 -20.68
N LEU D 192 -22.64 33.04 -20.94
CA LEU D 192 -23.18 32.59 -22.23
C LEU D 192 -22.65 33.41 -23.42
N PHE D 193 -22.55 34.74 -23.27
CA PHE D 193 -21.98 35.61 -24.32
C PHE D 193 -20.58 35.10 -24.77
N LEU D 194 -19.68 34.94 -23.80
CA LEU D 194 -18.30 34.51 -24.05
C LEU D 194 -18.20 33.07 -24.56
N LEU D 195 -19.10 32.22 -24.09
CA LEU D 195 -19.10 30.83 -24.50
C LEU D 195 -19.33 30.77 -26.00
N VAL D 196 -20.48 31.28 -26.45
CA VAL D 196 -20.80 31.35 -27.87
C VAL D 196 -19.79 32.24 -28.64
N ALA D 197 -19.30 33.29 -27.99
CA ALA D 197 -18.33 34.22 -28.61
C ALA D 197 -16.92 33.65 -28.83
N TYR D 198 -16.39 32.86 -27.89
CA TYR D 198 -15.06 32.23 -28.07
C TYR D 198 -15.09 31.20 -29.23
N VAL D 199 -16.22 30.45 -29.30
CA VAL D 199 -16.43 29.38 -30.30
C VAL D 199 -16.39 29.93 -31.74
N ILE D 200 -17.35 30.82 -32.05
CA ILE D 200 -17.44 31.44 -33.38
C ILE D 200 -16.16 32.22 -33.67
N SER D 201 -15.63 32.92 -32.67
CA SER D 201 -14.41 33.70 -32.85
C SER D 201 -13.65 33.84 -31.52
N PRO D 202 -12.43 33.29 -31.46
CA PRO D 202 -11.60 33.68 -30.34
C PRO D 202 -10.99 35.08 -30.55
N ARG D 203 -10.67 35.41 -31.79
CA ARG D 203 -9.87 36.61 -32.09
C ARG D 203 -10.53 37.84 -31.51
N PHE D 204 -11.84 37.96 -31.73
CA PHE D 204 -12.67 38.99 -31.10
C PHE D 204 -12.51 39.01 -29.58
N VAL D 205 -12.71 37.87 -28.93
CA VAL D 205 -12.70 37.82 -27.44
C VAL D 205 -11.35 38.28 -26.86
N HIS D 206 -10.28 37.78 -27.45
CA HIS D 206 -8.96 38.26 -27.12
C HIS D 206 -8.85 39.77 -27.36
N ARG D 207 -9.43 40.27 -28.45
CA ARG D 207 -9.44 41.74 -28.72
C ARG D 207 -10.37 42.55 -27.83
N PHE D 208 -11.50 41.98 -27.46
CA PHE D 208 -12.41 42.59 -26.50
C PHE D 208 -11.69 42.83 -25.18
N VAL D 209 -11.16 41.75 -24.61
CA VAL D 209 -10.61 41.73 -23.25
C VAL D 209 -9.36 42.60 -23.15
N GLY D 210 -8.50 42.53 -24.16
CA GLY D 210 -7.37 43.45 -24.26
C GLY D 210 -7.78 44.90 -23.97
N TYR D 211 -8.90 45.33 -24.56
CA TYR D 211 -9.43 46.71 -24.36
C TYR D 211 -10.04 46.93 -22.97
N LEU D 212 -10.99 46.08 -22.60
CA LEU D 212 -11.47 46.01 -21.22
C LEU D 212 -10.34 46.21 -20.19
N GLU D 213 -9.14 45.72 -20.53
CA GLU D 213 -7.96 45.88 -19.68
C GLU D 213 -7.37 47.25 -19.79
N GLU D 214 -7.16 47.72 -21.04
CA GLU D 214 -6.64 49.08 -21.34
C GLU D 214 -7.38 50.06 -20.47
N GLU D 215 -8.71 49.85 -20.37
CA GLU D 215 -9.59 50.53 -19.37
C GLU D 215 -9.08 50.37 -17.91
N ALA D 216 -9.32 49.24 -17.22
CA ALA D 216 -8.76 49.03 -15.87
C ALA D 216 -7.40 49.74 -15.63
N VAL D 217 -6.46 49.62 -16.57
CA VAL D 217 -5.17 50.32 -16.47
C VAL D 217 -5.39 51.79 -16.22
N ILE D 218 -6.37 52.38 -16.95
CA ILE D 218 -6.90 53.77 -16.77
C ILE D 218 -7.65 53.93 -15.46
N THR D 219 -8.80 53.27 -15.32
CA THR D 219 -9.52 53.25 -14.05
C THR D 219 -8.60 53.32 -12.83
N TYR D 220 -7.63 52.39 -12.74
CA TYR D 220 -6.76 52.28 -11.54
C TYR D 220 -5.63 53.36 -11.53
N THR D 221 -5.27 53.95 -12.69
CA THR D 221 -4.35 55.13 -12.71
C THR D 221 -5.07 56.37 -12.18
N GLY D 222 -6.36 56.51 -12.51
CA GLY D 222 -7.18 57.55 -11.92
C GLY D 222 -7.13 57.49 -10.40
N VAL D 223 -7.41 56.32 -9.83
CA VAL D 223 -7.44 56.13 -8.36
C VAL D 223 -6.10 56.50 -7.66
N MET D 224 -5.00 56.48 -8.41
CA MET D 224 -3.72 56.91 -7.87
C MET D 224 -3.60 58.42 -8.05
N ARG D 225 -3.83 58.88 -9.29
CA ARG D 225 -4.04 60.32 -9.61
C ARG D 225 -4.85 60.93 -8.44
N ALA D 226 -6.05 60.38 -8.22
CA ALA D 226 -6.90 60.69 -7.06
C ALA D 226 -6.18 60.73 -5.71
N ILE D 227 -5.67 59.58 -5.25
CA ILE D 227 -4.95 59.49 -3.98
C ILE D 227 -3.84 60.54 -3.83
N ASP D 228 -3.05 60.77 -4.88
CA ASP D 228 -1.92 61.72 -4.79
C ASP D 228 -2.32 63.15 -4.47
N GLU D 229 -3.43 63.61 -5.05
CA GLU D 229 -4.01 64.95 -4.77
C GLU D 229 -4.37 65.16 -3.31
N GLY D 230 -5.09 64.17 -2.77
CA GLY D 230 -5.89 64.27 -1.58
C GLY D 230 -7.14 63.43 -1.82
N ARG D 231 -8.01 63.89 -2.73
CA ARG D 231 -9.48 63.55 -2.81
C ARG D 231 -10.00 62.32 -2.10
N LEU D 232 -9.26 61.22 -2.19
CA LEU D 232 -9.57 59.99 -1.49
C LEU D 232 -8.35 59.59 -0.64
N ARG D 233 -8.23 60.23 0.52
CA ARG D 233 -7.16 59.93 1.50
C ARG D 233 -7.64 58.75 2.34
N PRO D 234 -7.13 57.52 2.10
CA PRO D 234 -7.81 56.37 2.72
C PRO D 234 -7.79 56.36 4.27
N THR D 235 -8.88 55.84 4.82
CA THR D 235 -8.98 55.38 6.23
C THR D 235 -8.98 53.83 6.29
N LYS D 236 -9.35 53.21 5.17
CA LYS D 236 -8.96 51.84 4.86
C LYS D 236 -7.64 51.82 4.08
N ASN D 237 -6.67 52.64 4.53
CA ASN D 237 -5.23 52.41 4.26
C ASN D 237 -4.82 51.01 4.68
N ASP D 238 -5.57 50.45 5.65
CA ASP D 238 -5.59 49.01 5.90
C ASP D 238 -5.93 48.24 4.61
N VAL D 239 -5.05 47.30 4.29
CA VAL D 239 -5.09 46.52 3.06
C VAL D 239 -5.40 45.09 3.47
N PRO D 240 -6.39 44.44 2.82
CA PRO D 240 -6.75 43.08 3.22
C PRO D 240 -5.56 42.13 3.28
N GLU D 241 -5.57 41.22 4.26
CA GLU D 241 -4.50 40.21 4.33
C GLU D 241 -4.57 39.17 3.20
N VAL D 242 -5.72 39.02 2.52
CA VAL D 242 -5.80 38.25 1.24
C VAL D 242 -4.87 38.78 0.19
N ALA D 243 -4.60 40.09 0.26
CA ALA D 243 -3.78 40.81 -0.67
C ALA D 243 -2.41 41.19 -0.11
N ARG D 244 -2.25 41.24 1.21
CA ARG D 244 -0.92 41.50 1.81
C ARG D 244 0.07 40.35 1.52
N VAL D 245 -0.46 39.15 1.24
CA VAL D 245 0.36 37.97 0.89
C VAL D 245 0.20 37.41 -0.55
N TYR D 246 -0.82 37.83 -1.29
CA TYR D 246 -1.00 37.34 -2.66
C TYR D 246 -0.02 38.07 -3.57
N TRP D 247 0.28 39.33 -3.23
CA TRP D 247 1.34 40.16 -3.87
C TRP D 247 2.54 40.31 -2.95
N ASN D 248 2.59 39.52 -1.88
CA ASN D 248 3.77 39.45 -1.04
C ASN D 248 4.29 40.85 -0.61
N LEU D 249 3.39 41.85 -0.58
CA LEU D 249 3.78 43.21 -0.19
C LEU D 249 4.11 43.20 1.28
N SER D 250 5.04 44.08 1.65
CA SER D 250 5.34 44.38 3.05
C SER D 250 4.07 44.85 3.78
N LYS D 251 4.20 45.14 5.06
CA LYS D 251 3.05 45.44 5.92
C LYS D 251 2.97 46.94 6.27
N ASN D 252 3.83 47.74 5.63
CA ASN D 252 3.75 49.20 5.66
C ASN D 252 3.17 49.77 4.37
N ALA D 253 2.66 48.92 3.49
CA ALA D 253 2.19 49.38 2.18
C ALA D 253 0.80 49.97 2.33
N THR D 254 0.55 51.09 1.64
CA THR D 254 -0.76 51.75 1.65
C THR D 254 -1.65 51.27 0.54
N PHE D 255 -2.96 51.46 0.73
CA PHE D 255 -3.97 51.20 -0.32
C PHE D 255 -3.62 51.73 -1.73
N ARG D 256 -2.61 52.62 -1.83
CA ARG D 256 -1.96 53.01 -3.09
C ARG D 256 -1.13 51.89 -3.69
N ASP D 257 -0.22 51.35 -2.87
CA ASP D 257 0.67 50.23 -3.26
C ASP D 257 -0.21 49.09 -3.82
N LEU D 258 -1.23 48.70 -3.04
CA LEU D 258 -2.22 47.70 -3.44
C LEU D 258 -2.82 48.06 -4.80
N ILE D 259 -3.16 49.33 -5.02
CA ILE D 259 -3.72 49.72 -6.33
C ILE D 259 -2.68 49.66 -7.46
N ASN D 260 -1.43 50.08 -7.21
CA ASN D 260 -0.34 49.98 -8.22
C ASN D 260 -0.13 48.57 -8.73
N VAL D 261 -0.16 47.59 -7.83
CA VAL D 261 0.06 46.20 -8.20
C VAL D 261 -1.08 45.73 -9.09
N ILE D 262 -2.33 46.06 -8.74
CA ILE D 262 -3.51 45.62 -9.53
C ILE D 262 -3.42 46.20 -10.93
N ARG D 263 -2.92 47.45 -11.00
CA ARG D 263 -2.71 48.14 -12.27
C ARG D 263 -1.69 47.34 -13.09
N ALA D 264 -0.68 46.77 -12.44
CA ALA D 264 0.31 45.91 -13.10
C ALA D 264 -0.32 44.62 -13.65
N ASP D 265 -1.00 43.86 -12.79
CA ASP D 265 -1.76 42.69 -13.26
C ASP D 265 -2.63 42.97 -14.49
N GLU D 266 -3.33 44.13 -14.47
CA GLU D 266 -4.22 44.58 -15.55
C GLU D 266 -3.42 45.02 -16.77
N ALA D 267 -2.24 45.57 -16.52
CA ALA D 267 -1.28 45.88 -17.58
C ALA D 267 -0.70 44.65 -18.18
N GLU D 268 -0.51 43.59 -17.38
CA GLU D 268 0.09 42.33 -17.88
C GLU D 268 -0.92 41.69 -18.78
N HIS D 269 -2.14 41.55 -18.30
CA HIS D 269 -3.21 40.95 -19.09
C HIS D 269 -3.44 41.74 -20.40
N ARG D 270 -3.37 43.07 -20.35
CA ARG D 270 -3.47 43.92 -21.55
C ARG D 270 -2.49 43.54 -22.68
N VAL D 271 -1.20 43.37 -22.37
CA VAL D 271 -0.24 43.08 -23.46
C VAL D 271 -0.45 41.65 -24.00
N VAL D 272 -0.94 40.77 -23.13
CA VAL D 272 -1.23 39.39 -23.50
C VAL D 272 -2.38 39.39 -24.50
N ASN D 273 -3.62 39.53 -24.02
CA ASN D 273 -4.81 39.42 -24.89
C ASN D 273 -4.68 40.14 -26.26
N HIS D 274 -3.93 41.23 -26.34
CA HIS D 274 -3.72 41.86 -27.66
C HIS D 274 -2.68 41.13 -28.45
N THR D 275 -1.75 40.45 -27.77
CA THR D 275 -0.85 39.51 -28.44
C THR D 275 -1.68 38.30 -28.91
N PHE D 276 -2.33 37.61 -27.96
CA PHE D 276 -3.20 36.45 -28.27
C PHE D 276 -4.22 36.74 -29.41
N ALA D 277 -4.62 38.00 -29.58
CA ALA D 277 -5.55 38.40 -30.64
C ALA D 277 -4.82 38.62 -31.97
N ASP D 278 -3.66 39.26 -31.95
CA ASP D 278 -2.92 39.40 -33.19
C ASP D 278 -2.58 38.00 -33.74
N MET D 279 -2.40 37.00 -32.84
CA MET D 279 -2.00 35.65 -33.25
C MET D 279 -3.11 34.93 -34.00
N HIS D 280 -4.29 34.86 -33.40
CA HIS D 280 -5.54 34.45 -34.08
C HIS D 280 -5.85 35.21 -35.41
N GLU D 281 -5.20 36.36 -35.67
CA GLU D 281 -5.29 37.07 -36.97
C GLU D 281 -4.36 36.47 -38.02
N LYS D 282 -3.07 36.38 -37.66
CA LYS D 282 -2.04 35.87 -38.57
C LYS D 282 -2.03 34.32 -38.63
N ARG D 283 -3.10 33.68 -38.11
CA ARG D 283 -3.23 32.22 -38.05
C ARG D 283 -2.00 31.65 -37.36
N LEU D 284 -1.86 31.93 -36.07
CA LEU D 284 -0.76 31.42 -35.24
C LEU D 284 -1.25 30.81 -33.92
N GLN D 285 -2.56 30.56 -33.79
CA GLN D 285 -3.14 30.23 -32.47
C GLN D 285 -2.40 29.09 -31.80
N ASN D 286 -2.02 28.11 -32.61
CA ASN D 286 -1.50 26.84 -32.14
C ASN D 286 -0.09 26.95 -31.56
N SER D 287 0.72 27.79 -32.19
CA SER D 287 2.12 28.02 -31.78
C SER D 287 2.35 28.20 -30.26
N VAL D 288 3.63 28.30 -29.89
CA VAL D 288 4.02 28.43 -28.49
C VAL D 288 3.63 29.82 -27.95
N ASN D 289 2.74 29.82 -26.95
CA ASN D 289 2.41 31.01 -26.19
C ASN D 289 3.68 31.65 -25.69
N PRO D 290 4.00 32.88 -26.17
CA PRO D 290 5.31 33.48 -25.89
C PRO D 290 5.58 33.88 -24.44
N PHE D 291 4.53 34.06 -23.66
CA PHE D 291 4.71 34.69 -22.36
C PHE D 291 5.36 33.78 -21.32
N VAL D 292 5.32 32.45 -21.54
CA VAL D 292 6.04 31.50 -20.64
C VAL D 292 7.57 31.70 -20.70
N VAL D 293 8.11 31.73 -21.91
CA VAL D 293 9.55 31.96 -22.07
C VAL D 293 9.88 33.40 -21.64
N LEU D 294 9.07 34.36 -22.07
CA LEU D 294 9.24 35.76 -21.67
C LEU D 294 9.10 36.06 -20.15
N LYS D 295 8.36 35.27 -19.38
CA LYS D 295 8.21 35.57 -17.94
C LYS D 295 9.50 35.25 -17.19
#